data_3CK9
#
_entry.id   3CK9
#
_cell.length_a   59.610
_cell.length_b   73.220
_cell.length_c   83.380
_cell.angle_alpha   65.06
_cell.angle_beta   72.19
_cell.angle_gamma   69.73
#
_symmetry.space_group_name_H-M   'P 1'
#
loop_
_entity.id
_entity.type
_entity.pdbx_description
1 polymer SusD
2 branched alpha-D-glucopyranose-(1-4)-alpha-D-glucopyranose-(1-4)-alpha-D-glucopyranose-(1-4)-alpha-D-glucopyranose-(1-4)-alpha-D-glucopyranose-(1-4)-alpha-D-glucopyranose-(1-4)-alpha-D-glucopyranose
3 branched alpha-D-glucopyranose-(1-4)-alpha-D-glucopyranose-(1-4)-alpha-D-glucopyranose-(1-4)-alpha-D-glucopyranose-(1-4)-alpha-D-glucopyranose-(1-4)-alpha-D-glucopyranose
4 non-polymer 'CALCIUM ION'
5 non-polymer 1,2-ETHANEDIOL
6 water water
#
_entity_poly.entity_id   1
_entity_poly.type   'polypeptide(L)'
_entity_poly.pdbx_seq_one_letter_code
;GINDLDISPIDPQTGGSFDQQGVFVKGYAMLGVTGQKGIDGSPDLDGQDEGESGFYRTTFNCNELPTDECLWAWQKNQDI
PQLTSISWSPSSQRTEWVYVRLGYDITQYNFFLDQTEGMTDAETLRQRAEIRFLRALHYWYFLDLFGKAPFKEHFSNDLP
VEKKGTELYTYIQNELNEIEADMYEPRQAPFGRADKAANWLLRARLYLNAGVYTGQTDYAKAEEYASKVIGSAYKLCTNY
SELFMADNDENENAMQEIILPIRQDGVKTRNYGGSTYLVCGTRVAGMPRMGTTNGWSCIFARAAMVQKFFSNLEDVPMLP
ADVEIPTKGLDTDEQIDAFDAEHGIRTEDMIKAAGDDRALLYSGVGGGRRKIQTDAISGFTDGLSIVKWQNYRSDGKPVS
HATYPDTDIPLFRLAEAYLTRAEAIFRQGGDATGDINELRKRANCTRKVQTVTEQELIDEWAREFYLEGRRRSDLVRFGM
FTTNKYLWDWKGGAMNGTSVASYYNKYPIPVSDINNNRNMSQNEGYK
;
_entity_poly.pdbx_strand_id   A,B
#
loop_
_chem_comp.id
_chem_comp.type
_chem_comp.name
_chem_comp.formula
CA non-polymer 'CALCIUM ION' 'Ca 2'
EDO non-polymer 1,2-ETHANEDIOL 'C2 H6 O2'
GLC D-saccharide, alpha linking alpha-D-glucopyranose 'C6 H12 O6'
#
# COMPACT_ATOMS: atom_id res chain seq x y z
N GLN A 13 -42.18 22.90 -22.95
CA GLN A 13 -42.53 23.89 -21.89
C GLN A 13 -41.70 25.17 -22.02
N THR A 14 -42.36 26.25 -22.43
CA THR A 14 -41.70 27.53 -22.62
C THR A 14 -42.43 28.63 -21.85
N GLY A 15 -41.85 29.82 -21.88
CA GLY A 15 -42.45 30.95 -21.19
C GLY A 15 -42.54 30.78 -19.68
N GLY A 16 -43.75 30.86 -19.16
CA GLY A 16 -43.96 30.70 -17.73
C GLY A 16 -43.63 29.31 -17.25
N SER A 17 -43.59 28.36 -18.18
CA SER A 17 -43.28 26.96 -17.85
C SER A 17 -41.80 26.62 -18.04
N PHE A 18 -41.05 27.57 -18.59
CA PHE A 18 -39.63 27.37 -18.81
C PHE A 18 -38.86 27.47 -17.49
N ASP A 19 -38.30 26.34 -17.06
CA ASP A 19 -37.51 26.29 -15.84
C ASP A 19 -36.06 26.54 -16.24
N GLN A 20 -35.71 27.82 -16.37
CA GLN A 20 -34.37 28.21 -16.80
C GLN A 20 -33.26 27.47 -16.05
N GLN A 21 -33.22 27.60 -14.72
CA GLN A 21 -32.20 26.93 -13.92
C GLN A 21 -32.15 25.43 -14.22
N GLY A 22 -33.31 24.80 -14.24
CA GLY A 22 -33.37 23.36 -14.51
C GLY A 22 -32.81 22.97 -15.87
N VAL A 23 -33.23 23.70 -16.91
CA VAL A 23 -32.75 23.41 -18.25
C VAL A 23 -31.26 23.72 -18.36
N PHE A 24 -30.81 24.73 -17.63
CA PHE A 24 -29.41 25.10 -17.63
C PHE A 24 -28.58 23.92 -17.11
N VAL A 25 -29.04 23.34 -16.01
CA VAL A 25 -28.34 22.20 -15.41
C VAL A 25 -28.38 20.97 -16.31
N LYS A 26 -29.51 20.76 -17.00
CA LYS A 26 -29.62 19.64 -17.91
C LYS A 26 -28.63 19.81 -19.05
N GLY A 27 -28.30 21.07 -19.35
CA GLY A 27 -27.34 21.34 -20.40
C GLY A 27 -26.05 20.58 -20.09
N TYR A 28 -25.58 20.74 -18.86
CA TYR A 28 -24.36 20.07 -18.43
C TYR A 28 -24.52 18.57 -18.24
N ALA A 29 -25.70 18.14 -17.82
CA ALA A 29 -25.96 16.72 -17.60
C ALA A 29 -25.86 15.88 -18.87
N MET A 30 -26.18 16.45 -20.02
CA MET A 30 -26.09 15.70 -21.27
C MET A 30 -24.66 15.18 -21.51
N LEU A 31 -23.69 15.80 -20.86
CA LEU A 31 -22.29 15.37 -21.01
C LEU A 31 -22.06 14.02 -20.33
N GLY A 32 -22.73 13.77 -19.21
CA GLY A 32 -22.50 12.53 -18.51
C GLY A 32 -23.64 11.58 -18.17
N VAL A 33 -24.85 11.88 -18.63
CA VAL A 33 -26.00 11.01 -18.36
C VAL A 33 -26.87 10.85 -19.59
N THR A 34 -27.49 9.68 -19.72
CA THR A 34 -28.38 9.46 -20.85
C THR A 34 -29.78 9.79 -20.34
N GLY A 35 -30.61 10.38 -21.19
CA GLY A 35 -31.96 10.71 -20.80
C GLY A 35 -32.72 9.46 -20.44
N GLN A 36 -33.81 9.21 -21.13
CA GLN A 36 -34.62 8.03 -20.83
C GLN A 36 -35.26 7.50 -22.12
N ASP A 44 -34.46 8.13 -29.75
CA ASP A 44 -34.94 6.78 -29.51
C ASP A 44 -34.69 5.90 -30.74
N LEU A 45 -33.41 5.61 -30.97
CA LEU A 45 -33.02 4.80 -32.13
C LEU A 45 -33.30 3.31 -32.00
N ASP A 46 -33.63 2.71 -33.15
CA ASP A 46 -33.96 1.29 -33.25
C ASP A 46 -32.74 0.39 -33.02
N GLY A 47 -32.91 -0.62 -32.17
CA GLY A 47 -31.83 -1.55 -31.89
C GLY A 47 -30.64 -0.96 -31.15
N GLN A 48 -30.89 0.04 -30.32
CA GLN A 48 -29.83 0.69 -29.55
C GLN A 48 -30.13 0.72 -28.06
N ASP A 49 -29.28 0.04 -27.28
CA ASP A 49 -29.43 0.03 -25.84
C ASP A 49 -29.30 1.48 -25.38
N GLU A 50 -30.10 1.88 -24.40
CA GLU A 50 -30.05 3.24 -23.89
C GLU A 50 -28.64 3.60 -23.45
N GLY A 51 -27.95 2.62 -22.86
CA GLY A 51 -26.60 2.83 -22.38
C GLY A 51 -25.55 3.05 -23.45
N GLU A 52 -25.97 2.99 -24.71
CA GLU A 52 -25.07 3.18 -25.85
C GLU A 52 -25.27 4.56 -26.47
N SER A 53 -26.29 5.26 -26.02
CA SER A 53 -26.65 6.57 -26.56
C SER A 53 -25.92 7.77 -25.97
N GLY A 54 -25.16 7.56 -24.89
CA GLY A 54 -24.50 8.68 -24.26
C GLY A 54 -23.52 9.51 -25.07
N PHE A 55 -23.42 10.78 -24.70
CA PHE A 55 -22.49 11.70 -25.35
C PHE A 55 -21.08 11.14 -25.17
N TYR A 56 -20.73 10.77 -23.95
CA TYR A 56 -19.40 10.28 -23.69
C TYR A 56 -19.02 8.97 -24.39
N ARG A 57 -19.85 7.94 -24.24
CA ARG A 57 -19.54 6.65 -24.84
C ARG A 57 -19.42 6.65 -26.36
N THR A 58 -20.35 7.32 -27.05
CA THR A 58 -20.34 7.36 -28.51
C THR A 58 -19.11 8.09 -29.07
N THR A 59 -18.77 9.23 -28.48
CA THR A 59 -17.59 9.97 -28.94
C THR A 59 -16.31 9.21 -28.58
N PHE A 60 -16.31 8.60 -27.39
CA PHE A 60 -15.15 7.83 -26.91
C PHE A 60 -14.84 6.67 -27.86
N ASN A 61 -15.85 5.87 -28.19
CA ASN A 61 -15.65 4.75 -29.10
C ASN A 61 -15.14 5.23 -30.46
N CYS A 62 -15.73 6.29 -30.99
CA CYS A 62 -15.31 6.79 -32.29
C CYS A 62 -13.85 7.29 -32.28
N ASN A 63 -13.33 7.59 -31.10
CA ASN A 63 -11.97 8.09 -30.98
C ASN A 63 -11.04 7.10 -30.28
N GLU A 64 -11.53 5.91 -29.98
CA GLU A 64 -10.69 4.94 -29.29
C GLU A 64 -10.67 3.55 -29.92
N LEU A 65 -11.84 2.93 -30.07
CA LEU A 65 -11.95 1.58 -30.60
C LEU A 65 -11.18 1.29 -31.90
N PRO A 66 -11.04 2.29 -32.78
CA PRO A 66 -10.31 2.08 -34.04
C PRO A 66 -8.80 2.31 -33.90
N THR A 67 -8.39 2.86 -32.76
CA THR A 67 -6.99 3.21 -32.55
C THR A 67 -6.05 2.17 -31.95
N ASP A 68 -4.80 2.59 -31.77
CA ASP A 68 -3.74 1.75 -31.23
C ASP A 68 -3.84 1.61 -29.71
N GLU A 69 -4.84 2.26 -29.11
CA GLU A 69 -4.97 2.20 -27.66
C GLU A 69 -5.74 1.04 -27.06
N CYS A 70 -6.82 0.61 -27.70
CA CYS A 70 -7.59 -0.48 -27.11
C CYS A 70 -8.44 -1.30 -28.07
N LEU A 71 -9.02 -2.36 -27.54
CA LEU A 71 -9.87 -3.27 -28.31
C LEU A 71 -11.13 -3.61 -27.52
N TRP A 72 -12.21 -3.87 -28.25
CA TRP A 72 -13.47 -4.26 -27.63
C TRP A 72 -13.49 -5.79 -27.75
N ALA A 73 -13.49 -6.48 -26.62
CA ALA A 73 -13.47 -7.93 -26.58
C ALA A 73 -14.65 -8.66 -27.24
N TRP A 74 -15.85 -8.12 -27.10
CA TRP A 74 -17.00 -8.79 -27.68
C TRP A 74 -17.33 -8.27 -29.07
N GLN A 75 -16.59 -8.81 -30.04
CA GLN A 75 -16.72 -8.43 -31.45
C GLN A 75 -18.08 -8.72 -32.08
N LYS A 76 -18.88 -9.57 -31.44
CA LYS A 76 -20.20 -9.88 -31.99
C LYS A 76 -21.15 -8.70 -31.82
N ASN A 77 -20.81 -7.76 -30.94
CA ASN A 77 -21.66 -6.58 -30.74
C ASN A 77 -21.73 -5.85 -32.08
N GLN A 78 -22.92 -5.36 -32.42
CA GLN A 78 -23.15 -4.67 -33.68
C GLN A 78 -22.20 -3.51 -33.98
N ASP A 79 -21.64 -3.55 -35.20
CA ASP A 79 -20.74 -2.51 -35.69
C ASP A 79 -19.37 -2.42 -35.00
N ILE A 80 -19.08 -3.35 -34.09
CA ILE A 80 -17.79 -3.35 -33.39
C ILE A 80 -16.62 -3.69 -34.32
N PRO A 81 -16.75 -4.74 -35.15
CA PRO A 81 -15.66 -5.09 -36.05
C PRO A 81 -15.33 -3.92 -36.99
N GLN A 82 -16.37 -3.22 -37.44
CA GLN A 82 -16.19 -2.07 -38.33
C GLN A 82 -15.34 -0.97 -37.68
N LEU A 83 -15.69 -0.61 -36.44
CA LEU A 83 -14.97 0.42 -35.71
C LEU A 83 -13.56 -0.04 -35.33
N THR A 84 -13.43 -1.32 -34.98
CA THR A 84 -12.15 -1.90 -34.59
C THR A 84 -11.07 -1.80 -35.66
N SER A 85 -11.44 -2.07 -36.91
CA SER A 85 -10.48 -2.04 -38.01
C SER A 85 -10.63 -0.93 -39.04
N ILE A 86 -11.37 0.12 -38.69
CA ILE A 86 -11.56 1.24 -39.61
C ILE A 86 -12.17 0.80 -40.94
N SER A 87 -13.26 0.05 -40.88
CA SER A 87 -13.91 -0.43 -42.09
C SER A 87 -15.43 -0.18 -42.08
N TRP A 88 -15.85 0.87 -41.40
CA TRP A 88 -17.27 1.20 -41.32
C TRP A 88 -17.76 1.75 -42.65
N SER A 89 -19.08 1.94 -42.75
CA SER A 89 -19.69 2.48 -43.96
C SER A 89 -20.72 3.51 -43.51
N PRO A 90 -21.36 4.20 -44.47
CA PRO A 90 -22.37 5.20 -44.07
C PRO A 90 -23.55 4.61 -43.31
N SER A 91 -23.66 3.29 -43.26
CA SER A 91 -24.77 2.67 -42.54
C SER A 91 -24.34 2.29 -41.12
N SER A 92 -23.14 2.71 -40.74
CA SER A 92 -22.59 2.45 -39.40
C SER A 92 -23.55 2.86 -38.30
N GLN A 93 -24.00 1.90 -37.50
CA GLN A 93 -24.91 2.21 -36.40
C GLN A 93 -24.26 3.12 -35.35
N ARG A 94 -23.00 2.85 -35.02
CA ARG A 94 -22.29 3.63 -34.01
C ARG A 94 -21.93 5.03 -34.49
N THR A 95 -21.95 5.22 -35.80
CA THR A 95 -21.65 6.53 -36.37
C THR A 95 -22.92 7.37 -36.28
N GLU A 96 -24.06 6.72 -36.49
CA GLU A 96 -25.35 7.40 -36.42
C GLU A 96 -25.58 7.80 -34.97
N TRP A 97 -25.23 6.89 -34.06
CA TRP A 97 -25.40 7.15 -32.63
C TRP A 97 -24.72 8.43 -32.17
N VAL A 98 -23.43 8.60 -32.50
CA VAL A 98 -22.72 9.81 -32.06
C VAL A 98 -23.22 11.05 -32.80
N TYR A 99 -23.60 10.87 -34.06
CA TYR A 99 -24.10 11.96 -34.89
C TYR A 99 -25.41 12.50 -34.34
N VAL A 100 -26.34 11.60 -34.04
CA VAL A 100 -27.64 11.97 -33.51
C VAL A 100 -27.53 12.53 -32.09
N ARG A 101 -26.69 11.91 -31.25
CA ARG A 101 -26.50 12.37 -29.89
C ARG A 101 -25.97 13.81 -29.88
N LEU A 102 -24.93 14.07 -30.67
CA LEU A 102 -24.34 15.42 -30.78
C LEU A 102 -25.39 16.43 -31.26
N GLY A 103 -26.13 16.07 -32.30
CA GLY A 103 -27.15 16.95 -32.83
C GLY A 103 -28.24 17.21 -31.80
N TYR A 104 -28.66 16.16 -31.11
CA TYR A 104 -29.70 16.31 -30.10
C TYR A 104 -29.31 17.27 -28.98
N ASP A 105 -28.11 17.11 -28.42
CA ASP A 105 -27.64 17.99 -27.35
C ASP A 105 -27.67 19.44 -27.81
N ILE A 106 -27.26 19.68 -29.05
CA ILE A 106 -27.24 21.05 -29.57
C ILE A 106 -28.63 21.65 -29.67
N THR A 107 -29.61 20.85 -30.10
CA THR A 107 -30.96 21.40 -30.20
C THR A 107 -31.40 21.83 -28.81
N GLN A 108 -30.94 21.12 -27.79
CA GLN A 108 -31.29 21.45 -26.42
C GLN A 108 -30.65 22.78 -26.01
N TYR A 109 -29.41 23.00 -26.45
CA TYR A 109 -28.71 24.25 -26.14
C TYR A 109 -29.36 25.41 -26.89
N ASN A 110 -29.71 25.16 -28.15
CA ASN A 110 -30.34 26.19 -28.96
C ASN A 110 -31.65 26.60 -28.32
N PHE A 111 -32.36 25.61 -27.76
CA PHE A 111 -33.62 25.84 -27.08
C PHE A 111 -33.39 26.77 -25.90
N PHE A 112 -32.41 26.46 -25.07
CA PHE A 112 -32.12 27.29 -23.90
C PHE A 112 -31.76 28.71 -24.31
N LEU A 113 -30.93 28.84 -25.35
CA LEU A 113 -30.52 30.16 -25.83
C LEU A 113 -31.69 30.94 -26.41
N ASP A 114 -32.59 30.25 -27.11
CA ASP A 114 -33.73 30.94 -27.69
C ASP A 114 -34.67 31.43 -26.60
N GLN A 115 -34.89 30.59 -25.60
CA GLN A 115 -35.79 30.94 -24.49
C GLN A 115 -35.27 32.07 -23.60
N THR A 116 -33.96 32.26 -23.56
CA THR A 116 -33.39 33.30 -22.71
C THR A 116 -32.94 34.52 -23.51
N GLU A 117 -33.10 34.44 -24.83
CA GLU A 117 -32.71 35.53 -25.73
C GLU A 117 -33.27 36.88 -25.28
N GLY A 118 -32.40 37.89 -25.20
CA GLY A 118 -32.84 39.21 -24.80
C GLY A 118 -32.64 39.53 -23.33
N MET A 119 -32.49 38.49 -22.51
CA MET A 119 -32.29 38.68 -21.08
C MET A 119 -30.87 39.18 -20.83
N THR A 120 -30.75 40.30 -20.13
CA THR A 120 -29.46 40.91 -19.87
C THR A 120 -28.96 40.82 -18.43
N ASP A 121 -29.63 40.05 -17.59
CA ASP A 121 -29.17 39.96 -16.20
C ASP A 121 -27.88 39.16 -16.13
N ALA A 122 -27.02 39.54 -15.18
CA ALA A 122 -25.72 38.88 -15.00
C ALA A 122 -25.81 37.36 -15.00
N GLU A 123 -26.76 36.82 -14.24
CA GLU A 123 -26.94 35.38 -14.13
C GLU A 123 -27.18 34.71 -15.47
N THR A 124 -28.19 35.17 -16.21
CA THR A 124 -28.52 34.62 -17.50
C THR A 124 -27.35 34.76 -18.48
N LEU A 125 -26.68 35.91 -18.45
CA LEU A 125 -25.55 36.12 -19.34
C LEU A 125 -24.50 35.03 -19.12
N ARG A 126 -24.19 34.74 -17.85
CA ARG A 126 -23.20 33.72 -17.55
C ARG A 126 -23.68 32.34 -18.00
N GLN A 127 -24.96 32.05 -17.78
CA GLN A 127 -25.51 30.76 -18.19
C GLN A 127 -25.41 30.62 -19.71
N ARG A 128 -25.81 31.66 -20.43
CA ARG A 128 -25.77 31.66 -21.88
C ARG A 128 -24.34 31.46 -22.38
N ALA A 129 -23.39 32.07 -21.69
CA ALA A 129 -21.98 31.94 -22.05
C ALA A 129 -21.57 30.47 -21.95
N GLU A 130 -21.90 29.85 -20.83
CA GLU A 130 -21.57 28.45 -20.64
C GLU A 130 -22.31 27.51 -21.60
N ILE A 131 -23.57 27.80 -21.87
CA ILE A 131 -24.34 26.97 -22.77
C ILE A 131 -23.70 27.06 -24.16
N ARG A 132 -23.34 28.27 -24.54
CA ARG A 132 -22.70 28.47 -25.85
C ARG A 132 -21.35 27.77 -25.85
N PHE A 133 -20.70 27.70 -24.69
CA PHE A 133 -19.43 26.99 -24.59
C PHE A 133 -19.68 25.52 -24.88
N LEU A 134 -20.68 24.96 -24.19
CA LEU A 134 -21.05 23.55 -24.37
C LEU A 134 -21.43 23.25 -25.82
N ARG A 135 -22.17 24.16 -26.45
CA ARG A 135 -22.57 23.98 -27.84
C ARG A 135 -21.32 24.00 -28.72
N ALA A 136 -20.41 24.92 -28.42
CA ALA A 136 -19.18 25.03 -29.20
C ALA A 136 -18.40 23.72 -29.12
N LEU A 137 -18.28 23.18 -27.92
CA LEU A 137 -17.56 21.93 -27.71
C LEU A 137 -18.16 20.85 -28.61
N HIS A 138 -19.49 20.77 -28.62
CA HIS A 138 -20.18 19.78 -29.44
C HIS A 138 -19.87 19.99 -30.92
N TYR A 139 -19.88 21.24 -31.36
CA TYR A 139 -19.60 21.52 -32.76
C TYR A 139 -18.18 21.12 -33.10
N TRP A 140 -17.31 21.10 -32.09
CA TRP A 140 -15.91 20.70 -32.29
C TRP A 140 -15.87 19.22 -32.64
N TYR A 141 -16.68 18.43 -31.93
CA TYR A 141 -16.76 17.00 -32.15
C TYR A 141 -17.27 16.74 -33.57
N PHE A 142 -18.27 17.50 -34.00
CA PHE A 142 -18.79 17.36 -35.36
C PHE A 142 -17.64 17.65 -36.32
N LEU A 143 -16.98 18.79 -36.11
CA LEU A 143 -15.86 19.18 -36.95
C LEU A 143 -14.73 18.15 -36.93
N ASP A 144 -14.37 17.67 -35.75
CA ASP A 144 -13.28 16.70 -35.65
C ASP A 144 -13.63 15.32 -36.18
N LEU A 145 -14.87 14.88 -35.98
CA LEU A 145 -15.30 13.57 -36.43
C LEU A 145 -15.77 13.52 -37.88
N PHE A 146 -16.53 14.52 -38.28
CA PHE A 146 -17.09 14.55 -39.64
C PHE A 146 -16.60 15.63 -40.58
N GLY A 147 -15.80 16.57 -40.06
CA GLY A 147 -15.30 17.66 -40.89
C GLY A 147 -16.40 18.64 -41.26
N LYS A 148 -17.60 18.40 -40.74
CA LYS A 148 -18.74 19.26 -41.01
C LYS A 148 -19.83 18.96 -39.98
N ALA A 149 -20.93 19.68 -40.03
CA ALA A 149 -22.01 19.45 -39.07
C ALA A 149 -23.35 19.97 -39.51
N PRO A 150 -24.43 19.29 -39.12
CA PRO A 150 -25.77 19.73 -39.50
C PRO A 150 -26.02 20.97 -38.64
N PHE A 151 -25.82 22.15 -39.22
CA PHE A 151 -25.93 23.41 -38.50
C PHE A 151 -27.29 24.09 -38.34
N LYS A 152 -27.50 24.59 -37.13
CA LYS A 152 -28.70 25.32 -36.74
C LYS A 152 -28.32 26.23 -35.56
N GLU A 153 -28.62 27.51 -35.68
CA GLU A 153 -28.31 28.47 -34.63
C GLU A 153 -29.49 28.57 -33.66
N HIS A 154 -30.66 28.12 -34.11
CA HIS A 154 -31.88 28.18 -33.31
C HIS A 154 -32.67 26.88 -33.26
N PHE A 155 -33.60 26.83 -32.32
CA PHE A 155 -34.47 25.68 -32.13
C PHE A 155 -35.70 25.90 -33.02
N SER A 156 -35.96 24.96 -33.94
CA SER A 156 -37.11 25.09 -34.84
C SER A 156 -37.40 23.83 -35.66
N ASN A 157 -38.34 23.97 -36.61
CA ASN A 157 -38.74 22.87 -37.48
C ASN A 157 -37.81 22.73 -38.68
N ASP A 158 -37.21 23.84 -39.09
CA ASP A 158 -36.32 23.86 -40.26
C ASP A 158 -35.22 22.81 -40.21
N LEU A 159 -34.93 22.24 -41.38
CA LEU A 159 -33.87 21.25 -41.49
C LEU A 159 -32.55 21.97 -41.29
N PRO A 160 -31.61 21.33 -40.58
CA PRO A 160 -30.32 21.98 -40.39
C PRO A 160 -29.65 22.16 -41.75
N VAL A 161 -28.79 23.17 -41.89
CA VAL A 161 -28.07 23.38 -43.14
C VAL A 161 -26.66 22.87 -42.89
N GLU A 162 -25.90 22.65 -43.96
CA GLU A 162 -24.56 22.14 -43.78
C GLU A 162 -23.55 23.25 -43.53
N LYS A 163 -22.73 23.10 -42.50
CA LYS A 163 -21.66 24.07 -42.25
C LYS A 163 -20.44 23.17 -42.11
N LYS A 164 -19.45 23.37 -42.97
CA LYS A 164 -18.26 22.53 -42.97
C LYS A 164 -16.92 23.22 -42.83
N GLY A 165 -15.89 22.39 -42.77
CA GLY A 165 -14.52 22.84 -42.66
C GLY A 165 -14.25 24.21 -42.04
N THR A 166 -13.59 25.04 -42.82
CA THR A 166 -13.21 26.38 -42.39
C THR A 166 -14.33 27.25 -41.83
N GLU A 167 -15.50 27.20 -42.44
CA GLU A 167 -16.60 28.02 -41.94
C GLU A 167 -17.05 27.55 -40.56
N LEU A 168 -17.05 26.24 -40.34
CA LEU A 168 -17.45 25.68 -39.05
C LEU A 168 -16.38 26.02 -38.02
N TYR A 169 -15.13 25.81 -38.43
CA TYR A 169 -13.97 26.11 -37.59
C TYR A 169 -14.05 27.54 -37.09
N THR A 170 -14.33 28.47 -38.02
CA THR A 170 -14.40 29.89 -37.70
C THR A 170 -15.58 30.22 -36.79
N TYR A 171 -16.66 29.47 -36.93
CA TYR A 171 -17.84 29.70 -36.11
C TYR A 171 -17.57 29.33 -34.65
N ILE A 172 -16.94 28.18 -34.45
CA ILE A 172 -16.61 27.71 -33.10
C ILE A 172 -15.65 28.69 -32.43
N GLN A 173 -14.61 29.06 -33.16
CA GLN A 173 -13.63 30.01 -32.63
C GLN A 173 -14.32 31.33 -32.25
N ASN A 174 -15.15 31.86 -33.15
CA ASN A 174 -15.85 33.11 -32.89
C ASN A 174 -16.75 33.01 -31.65
N GLU A 175 -17.45 31.88 -31.52
CA GLU A 175 -18.34 31.66 -30.38
C GLU A 175 -17.53 31.77 -29.10
N LEU A 176 -16.45 31.02 -29.04
CA LEU A 176 -15.56 30.99 -27.88
C LEU A 176 -15.00 32.36 -27.55
N ASN A 177 -14.58 33.09 -28.58
CA ASN A 177 -14.02 34.42 -28.38
C ASN A 177 -15.06 35.39 -27.82
N GLU A 178 -16.28 35.30 -28.34
CA GLU A 178 -17.38 36.17 -27.90
C GLU A 178 -17.89 35.94 -26.48
N ILE A 179 -17.90 34.69 -26.03
CA ILE A 179 -18.42 34.37 -24.70
C ILE A 179 -17.42 34.41 -23.55
N GLU A 180 -16.14 34.54 -23.87
CA GLU A 180 -15.10 34.54 -22.84
C GLU A 180 -15.34 35.53 -21.71
N ALA A 181 -15.52 36.79 -22.08
CA ALA A 181 -15.71 37.86 -21.12
C ALA A 181 -16.76 37.54 -20.04
N ASP A 182 -17.81 36.81 -20.41
CA ASP A 182 -18.86 36.47 -19.46
C ASP A 182 -18.64 35.22 -18.64
N MET A 183 -17.57 34.47 -18.92
CA MET A 183 -17.31 33.24 -18.18
C MET A 183 -16.50 33.44 -16.92
N TYR A 184 -16.63 32.49 -15.98
CA TYR A 184 -15.92 32.56 -14.70
C TYR A 184 -14.40 32.60 -14.86
N GLU A 185 -13.73 33.26 -13.91
CA GLU A 185 -12.28 33.32 -13.91
C GLU A 185 -11.84 31.87 -13.63
N PRO A 186 -10.65 31.49 -14.06
CA PRO A 186 -10.17 30.12 -13.82
C PRO A 186 -10.28 29.66 -12.35
N ARG A 187 -10.93 28.50 -12.17
CA ARG A 187 -11.15 27.89 -10.87
C ARG A 187 -12.08 28.66 -9.93
N GLN A 188 -12.94 29.49 -10.49
CA GLN A 188 -13.87 30.25 -9.66
C GLN A 188 -15.30 29.75 -9.80
N ALA A 189 -15.54 28.97 -10.84
CA ALA A 189 -16.88 28.43 -11.09
C ALA A 189 -17.14 27.20 -10.24
N PRO A 190 -18.42 26.90 -9.95
CA PRO A 190 -18.76 25.73 -9.15
C PRO A 190 -18.17 24.53 -9.89
N PHE A 191 -17.58 23.59 -9.16
CA PHE A 191 -16.98 22.42 -9.79
C PHE A 191 -18.00 21.72 -10.70
N GLY A 192 -17.63 21.58 -11.97
CA GLY A 192 -18.50 20.95 -12.95
C GLY A 192 -18.86 21.91 -14.06
N ARG A 193 -18.78 23.20 -13.79
CA ARG A 193 -19.11 24.22 -14.78
C ARG A 193 -17.84 24.75 -15.45
N ALA A 194 -17.97 25.17 -16.71
CA ALA A 194 -16.85 25.66 -17.51
C ALA A 194 -16.47 27.13 -17.27
N ASP A 195 -15.17 27.38 -17.11
CA ASP A 195 -14.66 28.73 -16.91
C ASP A 195 -13.85 29.16 -18.12
N LYS A 196 -13.19 30.30 -18.01
CA LYS A 196 -12.37 30.84 -19.09
C LYS A 196 -11.27 29.90 -19.55
N ALA A 197 -10.62 29.22 -18.62
CA ALA A 197 -9.55 28.28 -18.95
C ALA A 197 -10.09 27.14 -19.82
N ALA A 198 -11.34 26.76 -19.61
CA ALA A 198 -11.96 25.69 -20.39
C ALA A 198 -12.11 26.26 -21.80
N ASN A 199 -12.51 27.53 -21.85
CA ASN A 199 -12.68 28.23 -23.11
C ASN A 199 -11.33 28.22 -23.83
N TRP A 200 -10.31 28.75 -23.15
CA TRP A 200 -8.97 28.82 -23.75
C TRP A 200 -8.44 27.44 -24.18
N LEU A 201 -8.71 26.40 -23.38
CA LEU A 201 -8.21 25.09 -23.73
C LEU A 201 -8.85 24.58 -25.02
N LEU A 202 -10.16 24.78 -25.16
CA LEU A 202 -10.84 24.33 -26.36
C LEU A 202 -10.29 25.04 -27.60
N ARG A 203 -10.05 26.34 -27.48
CA ARG A 203 -9.51 27.11 -28.60
C ARG A 203 -8.11 26.64 -28.95
N ALA A 204 -7.32 26.31 -27.95
CA ALA A 204 -5.97 25.82 -28.16
C ALA A 204 -6.02 24.50 -28.94
N ARG A 205 -7.01 23.68 -28.63
CA ARG A 205 -7.16 22.40 -29.32
C ARG A 205 -7.54 22.71 -30.77
N LEU A 206 -8.52 23.59 -30.94
CA LEU A 206 -8.96 24.00 -32.28
C LEU A 206 -7.76 24.48 -33.10
N TYR A 207 -7.05 25.47 -32.58
CA TYR A 207 -5.87 26.01 -33.26
C TYR A 207 -4.84 24.94 -33.58
N LEU A 208 -4.65 24.01 -32.65
CA LEU A 208 -3.69 22.94 -32.85
C LEU A 208 -4.06 22.11 -34.08
N ASN A 209 -5.35 21.85 -34.25
CA ASN A 209 -5.86 21.06 -35.38
C ASN A 209 -6.33 21.91 -36.57
N ALA A 210 -6.13 23.22 -36.50
CA ALA A 210 -6.55 24.11 -37.58
C ALA A 210 -6.04 23.65 -38.94
N GLY A 211 -4.87 23.03 -38.95
CA GLY A 211 -4.34 22.54 -40.21
C GLY A 211 -5.25 21.48 -40.81
N VAL A 212 -5.76 20.60 -39.94
CA VAL A 212 -6.64 19.53 -40.38
C VAL A 212 -8.00 20.06 -40.85
N TYR A 213 -8.57 20.98 -40.08
CA TYR A 213 -9.91 21.49 -40.40
C TYR A 213 -9.97 22.58 -41.48
N THR A 214 -8.92 23.38 -41.62
CA THR A 214 -8.95 24.46 -42.60
C THR A 214 -7.87 24.41 -43.68
N GLY A 215 -6.91 23.49 -43.54
CA GLY A 215 -5.85 23.41 -44.53
C GLY A 215 -4.71 24.36 -44.18
N GLN A 216 -4.95 25.23 -43.19
CA GLN A 216 -3.94 26.19 -42.75
C GLN A 216 -3.68 26.02 -41.25
N THR A 217 -2.45 25.68 -40.89
CA THR A 217 -2.08 25.50 -39.50
C THR A 217 -2.01 26.85 -38.80
N ASP A 218 -1.97 26.83 -37.48
CA ASP A 218 -1.91 28.06 -36.69
C ASP A 218 -1.33 27.70 -35.32
N TYR A 219 -0.17 27.06 -35.35
CA TYR A 219 0.50 26.64 -34.12
C TYR A 219 0.85 27.75 -33.17
N ALA A 220 1.07 28.96 -33.68
CA ALA A 220 1.39 30.09 -32.83
C ALA A 220 0.22 30.37 -31.89
N LYS A 221 -1.00 30.23 -32.42
CA LYS A 221 -2.21 30.47 -31.62
C LYS A 221 -2.46 29.33 -30.64
N ALA A 222 -2.14 28.11 -31.06
CA ALA A 222 -2.30 26.94 -30.19
C ALA A 222 -1.38 27.11 -29.00
N GLU A 223 -0.17 27.61 -29.26
CA GLU A 223 0.83 27.85 -28.24
C GLU A 223 0.34 28.94 -27.29
N GLU A 224 -0.12 30.05 -27.88
CA GLU A 224 -0.61 31.17 -27.09
C GLU A 224 -1.74 30.79 -26.13
N TYR A 225 -2.79 30.18 -26.65
CA TYR A 225 -3.91 29.79 -25.79
C TYR A 225 -3.56 28.70 -24.79
N ALA A 226 -2.59 27.86 -25.14
CA ALA A 226 -2.16 26.80 -24.25
C ALA A 226 -1.45 27.46 -23.06
N SER A 227 -0.65 28.49 -23.36
CA SER A 227 0.10 29.23 -22.34
C SER A 227 -0.83 29.97 -21.39
N LYS A 228 -1.95 30.46 -21.92
CA LYS A 228 -2.92 31.16 -21.08
C LYS A 228 -3.46 30.16 -20.05
N VAL A 229 -3.79 28.95 -20.52
CA VAL A 229 -4.30 27.92 -19.62
C VAL A 229 -3.22 27.58 -18.59
N ILE A 230 -2.02 27.28 -19.06
CA ILE A 230 -0.90 26.95 -18.19
C ILE A 230 -0.62 28.08 -17.19
N GLY A 231 -0.78 29.32 -17.66
CA GLY A 231 -0.55 30.47 -16.81
C GLY A 231 -1.68 30.83 -15.85
N SER A 232 -2.73 30.00 -15.82
CA SER A 232 -3.86 30.25 -14.93
C SER A 232 -3.65 29.59 -13.57
N ALA A 233 -4.69 29.61 -12.73
CA ALA A 233 -4.64 29.03 -11.40
C ALA A 233 -4.54 27.51 -11.39
N TYR A 234 -4.90 26.88 -12.51
CA TYR A 234 -4.84 25.42 -12.60
C TYR A 234 -3.40 24.94 -12.46
N LYS A 235 -3.24 23.76 -11.87
CA LYS A 235 -1.91 23.15 -11.66
C LYS A 235 -2.02 21.64 -11.83
N LEU A 236 -0.88 21.00 -12.06
CA LEU A 236 -0.84 19.56 -12.25
C LEU A 236 -0.94 18.77 -10.94
N CYS A 237 -1.71 17.68 -10.98
CA CYS A 237 -1.89 16.79 -9.84
C CYS A 237 -0.57 16.06 -9.62
N THR A 238 -0.10 15.98 -8.38
CA THR A 238 1.18 15.34 -8.09
C THR A 238 1.15 13.82 -8.19
N ASN A 239 -0.04 13.23 -8.13
CA ASN A 239 -0.20 11.78 -8.23
C ASN A 239 -1.17 11.52 -9.40
N TYR A 240 -0.59 11.17 -10.56
CA TYR A 240 -1.35 10.91 -11.78
C TYR A 240 -2.61 10.07 -11.58
N SER A 241 -2.48 8.91 -10.97
CA SER A 241 -3.61 8.02 -10.75
C SER A 241 -4.80 8.70 -10.07
N GLU A 242 -4.53 9.62 -9.13
CA GLU A 242 -5.61 10.31 -8.42
C GLU A 242 -6.60 11.05 -9.31
N LEU A 243 -6.17 11.41 -10.51
CA LEU A 243 -7.02 12.12 -11.46
C LEU A 243 -8.16 11.23 -11.95
N PHE A 244 -7.99 9.93 -11.79
CA PHE A 244 -8.97 8.98 -12.28
C PHE A 244 -9.54 8.09 -11.18
N MET A 245 -9.58 8.63 -9.97
CA MET A 245 -10.10 7.89 -8.84
C MET A 245 -11.46 8.42 -8.36
N ALA A 246 -12.12 7.65 -7.51
CA ALA A 246 -13.45 7.98 -7.01
C ALA A 246 -13.61 9.33 -6.33
N ASP A 247 -12.55 9.83 -5.70
CA ASP A 247 -12.62 11.11 -5.01
C ASP A 247 -12.02 12.27 -5.79
N ASN A 248 -12.01 12.17 -7.12
CA ASN A 248 -11.45 13.25 -7.92
C ASN A 248 -12.34 14.49 -7.91
N ASP A 249 -13.45 14.44 -7.16
CA ASP A 249 -14.32 15.60 -7.01
C ASP A 249 -14.28 16.07 -5.55
N GLU A 250 -13.36 15.50 -4.78
CA GLU A 250 -13.16 15.86 -3.37
C GLU A 250 -11.69 15.69 -3.00
N ASN A 251 -10.82 16.09 -3.92
CA ASN A 251 -9.37 15.99 -3.73
C ASN A 251 -8.70 17.16 -4.44
N GLU A 252 -8.21 18.14 -3.69
CA GLU A 252 -7.58 19.31 -4.27
C GLU A 252 -6.46 18.96 -5.24
N ASN A 253 -5.72 17.90 -4.93
CA ASN A 253 -4.62 17.49 -5.78
C ASN A 253 -5.10 17.19 -7.19
N ALA A 254 -6.22 16.49 -7.30
CA ALA A 254 -6.77 16.15 -8.61
C ALA A 254 -7.56 17.31 -9.20
N MET A 255 -8.38 17.94 -8.37
CA MET A 255 -9.23 19.04 -8.82
C MET A 255 -8.50 20.25 -9.36
N GLN A 256 -7.31 20.54 -8.82
CA GLN A 256 -6.55 21.69 -9.29
C GLN A 256 -6.13 21.49 -10.75
N GLU A 257 -6.25 20.26 -11.24
CA GLU A 257 -5.86 19.98 -12.63
C GLU A 257 -7.05 19.85 -13.57
N ILE A 258 -8.18 19.37 -13.05
CA ILE A 258 -9.38 19.15 -13.85
C ILE A 258 -10.17 20.42 -14.19
N ILE A 259 -9.93 20.91 -15.39
CA ILE A 259 -10.55 22.12 -15.90
C ILE A 259 -12.04 21.95 -16.21
N LEU A 260 -12.41 20.74 -16.63
CA LEU A 260 -13.80 20.47 -16.94
C LEU A 260 -14.11 19.01 -16.65
N PRO A 261 -14.82 18.76 -15.54
CA PRO A 261 -15.15 17.37 -15.20
C PRO A 261 -16.57 17.05 -15.65
N ILE A 262 -16.82 15.75 -15.78
CA ILE A 262 -18.15 15.27 -16.13
C ILE A 262 -18.53 14.56 -14.86
N ARG A 263 -19.35 15.22 -14.04
CA ARG A 263 -19.77 14.66 -12.78
C ARG A 263 -20.39 13.28 -12.96
N GLN A 264 -20.02 12.38 -12.07
CA GLN A 264 -20.53 11.02 -12.06
C GLN A 264 -20.68 10.62 -10.60
N ASP A 265 -21.76 9.94 -10.26
CA ASP A 265 -21.95 9.53 -8.89
C ASP A 265 -22.56 8.15 -8.83
N GLY A 266 -22.03 7.33 -7.93
CA GLY A 266 -22.49 5.98 -7.77
C GLY A 266 -23.96 5.82 -7.44
N VAL A 267 -24.55 6.83 -6.81
CA VAL A 267 -25.96 6.72 -6.47
C VAL A 267 -26.85 7.68 -7.26
N LYS A 268 -26.38 8.91 -7.47
CA LYS A 268 -27.18 9.91 -8.17
C LYS A 268 -26.99 10.05 -9.68
N THR A 269 -25.74 10.05 -10.16
CA THR A 269 -25.47 10.25 -11.57
C THR A 269 -24.83 9.03 -12.23
N ARG A 270 -25.66 8.11 -12.68
CA ARG A 270 -25.20 6.89 -13.34
C ARG A 270 -25.34 6.94 -14.85
N ASN A 271 -24.45 6.23 -15.54
CA ASN A 271 -24.44 6.17 -16.99
C ASN A 271 -23.59 4.99 -17.43
N TYR A 272 -24.21 3.98 -18.02
CA TYR A 272 -23.46 2.81 -18.47
C TYR A 272 -22.30 3.24 -19.36
N GLY A 273 -22.49 4.37 -20.04
CA GLY A 273 -21.46 4.89 -20.92
C GLY A 273 -20.67 6.00 -20.26
N GLY A 274 -20.75 6.08 -18.94
CA GLY A 274 -20.04 7.10 -18.20
C GLY A 274 -18.81 6.50 -17.55
N SER A 275 -18.51 6.88 -16.32
CA SER A 275 -17.34 6.32 -15.66
C SER A 275 -17.57 4.83 -15.43
N THR A 276 -18.82 4.40 -15.44
CA THR A 276 -19.14 2.99 -15.26
C THR A 276 -18.46 2.22 -16.40
N TYR A 277 -18.55 2.78 -17.59
CA TYR A 277 -17.97 2.21 -18.81
C TYR A 277 -16.46 2.02 -18.68
N LEU A 278 -15.79 3.03 -18.11
CA LEU A 278 -14.34 3.01 -17.95
C LEU A 278 -13.84 2.10 -16.83
N VAL A 279 -14.68 1.89 -15.83
CA VAL A 279 -14.30 1.04 -14.71
C VAL A 279 -14.82 -0.39 -14.95
N CYS A 280 -16.13 -0.55 -15.05
CA CYS A 280 -16.71 -1.87 -15.28
C CYS A 280 -16.21 -2.48 -16.60
N GLY A 281 -16.26 -1.70 -17.66
CA GLY A 281 -15.82 -2.19 -18.96
C GLY A 281 -14.40 -2.69 -19.09
N THR A 282 -13.51 -2.29 -18.18
CA THR A 282 -12.11 -2.72 -18.24
C THR A 282 -11.74 -3.80 -17.25
N ARG A 283 -12.72 -4.29 -16.49
CA ARG A 283 -12.46 -5.32 -15.50
C ARG A 283 -13.21 -6.62 -15.78
N VAL A 284 -12.81 -7.67 -15.10
CA VAL A 284 -13.43 -8.99 -15.21
C VAL A 284 -13.18 -9.68 -13.87
N ALA A 285 -14.11 -10.56 -13.48
CA ALA A 285 -14.00 -11.28 -12.23
C ALA A 285 -12.62 -11.91 -12.08
N GLY A 286 -12.04 -11.80 -10.90
CA GLY A 286 -10.73 -12.37 -10.67
C GLY A 286 -9.64 -11.32 -10.54
N MET A 287 -9.87 -10.15 -11.13
CA MET A 287 -8.89 -9.06 -11.02
C MET A 287 -8.94 -8.48 -9.61
N PRO A 288 -7.77 -8.28 -9.00
CA PRO A 288 -7.77 -7.72 -7.65
C PRO A 288 -8.19 -6.25 -7.66
N ARG A 289 -8.91 -5.82 -6.63
CA ARG A 289 -9.38 -4.44 -6.51
C ARG A 289 -10.12 -3.97 -7.76
N MET A 290 -11.26 -4.62 -8.04
CA MET A 290 -12.07 -4.28 -9.20
C MET A 290 -12.77 -2.94 -9.01
N GLY A 291 -13.09 -2.62 -7.77
CA GLY A 291 -13.76 -1.36 -7.49
C GLY A 291 -15.23 -1.46 -7.88
N THR A 292 -15.66 -2.65 -8.28
CA THR A 292 -17.05 -2.87 -8.67
C THR A 292 -17.39 -4.35 -8.62
N THR A 293 -18.69 -4.65 -8.57
CA THR A 293 -19.14 -6.03 -8.51
C THR A 293 -19.35 -6.58 -9.90
N ASN A 294 -19.27 -5.72 -10.90
CA ASN A 294 -19.50 -6.14 -12.27
C ASN A 294 -18.36 -5.83 -13.23
N GLY A 295 -17.68 -6.89 -13.68
CA GLY A 295 -16.61 -6.72 -14.64
C GLY A 295 -17.14 -7.17 -15.98
N TRP A 296 -17.26 -6.26 -16.94
CA TRP A 296 -17.80 -6.61 -18.25
C TRP A 296 -16.78 -7.26 -19.18
N SER A 297 -15.50 -7.15 -18.83
CA SER A 297 -14.44 -7.70 -19.65
C SER A 297 -14.57 -7.25 -21.12
N CYS A 298 -14.67 -5.95 -21.33
CA CYS A 298 -14.82 -5.39 -22.69
C CYS A 298 -13.59 -4.69 -23.27
N ILE A 299 -13.08 -3.71 -22.56
CA ILE A 299 -11.95 -2.94 -23.06
C ILE A 299 -10.59 -3.36 -22.50
N PHE A 300 -9.69 -3.73 -23.40
CA PHE A 300 -8.32 -4.11 -23.03
C PHE A 300 -7.35 -3.43 -23.99
N ALA A 301 -6.09 -3.36 -23.61
CA ALA A 301 -5.08 -2.68 -24.42
C ALA A 301 -4.51 -3.49 -25.57
N ARG A 302 -4.17 -2.79 -26.65
CA ARG A 302 -3.56 -3.43 -27.80
C ARG A 302 -2.07 -3.45 -27.47
N ALA A 303 -1.32 -4.30 -28.18
CA ALA A 303 0.10 -4.42 -27.97
C ALA A 303 0.79 -3.07 -28.16
N ALA A 304 0.27 -2.28 -29.08
CA ALA A 304 0.82 -0.97 -29.40
C ALA A 304 0.73 0.00 -28.21
N MET A 305 -0.32 -0.17 -27.41
CA MET A 305 -0.55 0.68 -26.25
C MET A 305 0.51 0.36 -25.19
N VAL A 306 0.67 -0.93 -24.93
CA VAL A 306 1.64 -1.40 -23.94
C VAL A 306 3.05 -0.96 -24.37
N GLN A 307 3.28 -0.90 -25.68
CA GLN A 307 4.58 -0.53 -26.21
C GLN A 307 4.91 0.94 -26.00
N LYS A 308 3.91 1.74 -25.66
CA LYS A 308 4.13 3.16 -25.40
C LYS A 308 4.92 3.28 -24.10
N PHE A 309 4.81 2.25 -23.25
CA PHE A 309 5.53 2.23 -21.98
C PHE A 309 6.74 1.29 -22.02
N PHE A 310 6.73 0.34 -22.95
CA PHE A 310 7.81 -0.61 -23.10
C PHE A 310 8.19 -0.71 -24.58
N SER A 311 9.12 0.15 -25.03
CA SER A 311 9.55 0.15 -26.42
C SER A 311 9.84 -1.27 -26.87
N ASN A 312 10.45 -2.04 -25.99
CA ASN A 312 10.76 -3.45 -26.25
C ASN A 312 9.74 -4.26 -25.44
N LEU A 313 8.76 -4.85 -26.12
CA LEU A 313 7.73 -5.62 -25.44
C LEU A 313 8.24 -6.80 -24.63
N GLU A 314 9.54 -7.09 -24.75
CA GLU A 314 10.12 -8.19 -24.00
C GLU A 314 10.39 -7.76 -22.56
N ASP A 315 10.39 -6.46 -22.31
CA ASP A 315 10.64 -5.94 -20.96
C ASP A 315 9.35 -5.90 -20.12
N VAL A 316 8.22 -6.18 -20.77
CA VAL A 316 6.92 -6.18 -20.13
C VAL A 316 6.78 -7.35 -19.17
N PRO A 317 6.57 -7.07 -17.87
CA PRO A 317 6.43 -8.14 -16.90
C PRO A 317 5.30 -9.08 -17.32
N MET A 318 5.62 -10.36 -17.45
CA MET A 318 4.67 -11.37 -17.86
C MET A 318 4.90 -12.67 -17.12
N LEU A 319 3.85 -13.47 -17.04
CA LEU A 319 3.91 -14.76 -16.39
C LEU A 319 4.50 -15.70 -17.44
N PRO A 320 5.46 -16.54 -17.04
CA PRO A 320 6.06 -17.48 -18.00
C PRO A 320 4.98 -18.41 -18.58
N ALA A 321 5.12 -18.77 -19.85
CA ALA A 321 4.15 -19.64 -20.50
C ALA A 321 4.15 -21.05 -19.92
N ASP A 322 5.27 -21.46 -19.32
CA ASP A 322 5.37 -22.79 -18.73
C ASP A 322 4.93 -22.85 -17.27
N VAL A 323 4.36 -21.75 -16.77
CA VAL A 323 3.88 -21.69 -15.40
C VAL A 323 2.36 -21.82 -15.41
N GLU A 324 1.85 -22.86 -14.77
CA GLU A 324 0.41 -23.08 -14.74
C GLU A 324 -0.23 -22.19 -13.70
N ILE A 325 -1.50 -21.87 -13.92
CA ILE A 325 -2.26 -21.05 -13.00
C ILE A 325 -3.24 -22.00 -12.32
N PRO A 326 -3.03 -22.25 -11.02
CA PRO A 326 -3.86 -23.14 -10.19
C PRO A 326 -5.35 -22.92 -10.36
N THR A 327 -6.13 -23.99 -10.31
CA THR A 327 -7.58 -23.90 -10.45
C THR A 327 -8.21 -23.59 -9.10
N LYS A 328 -7.41 -23.63 -8.05
CA LYS A 328 -7.86 -23.31 -6.70
C LYS A 328 -6.80 -22.52 -5.94
N GLY A 329 -7.23 -21.85 -4.87
CA GLY A 329 -6.29 -21.07 -4.08
C GLY A 329 -6.07 -19.66 -4.59
N LEU A 330 -6.88 -19.25 -5.57
CA LEU A 330 -6.78 -17.92 -6.14
C LEU A 330 -8.19 -17.33 -6.20
N ASP A 331 -8.85 -17.31 -5.04
CA ASP A 331 -10.22 -16.82 -4.95
C ASP A 331 -10.34 -15.41 -4.40
N THR A 332 -9.34 -14.96 -3.65
CA THR A 332 -9.39 -13.62 -3.07
C THR A 332 -8.30 -12.72 -3.63
N ASP A 333 -8.46 -11.41 -3.43
CA ASP A 333 -7.49 -10.44 -3.90
C ASP A 333 -6.14 -10.71 -3.25
N GLU A 334 -6.16 -11.05 -1.97
CA GLU A 334 -4.92 -11.33 -1.25
C GLU A 334 -4.16 -12.48 -1.91
N GLN A 335 -4.89 -13.54 -2.28
CA GLN A 335 -4.27 -14.71 -2.92
C GLN A 335 -3.77 -14.36 -4.32
N ILE A 336 -4.54 -13.56 -5.05
CA ILE A 336 -4.18 -13.14 -6.39
C ILE A 336 -2.92 -12.30 -6.36
N ASP A 337 -2.88 -11.30 -5.47
CA ASP A 337 -1.72 -10.44 -5.35
C ASP A 337 -0.45 -11.23 -5.03
N ALA A 338 -0.54 -12.10 -4.05
CA ALA A 338 0.60 -12.91 -3.64
C ALA A 338 1.14 -13.71 -4.82
N PHE A 339 0.24 -14.23 -5.66
CA PHE A 339 0.69 -15.01 -6.80
C PHE A 339 1.37 -14.08 -7.81
N ASP A 340 0.77 -12.92 -8.04
CA ASP A 340 1.33 -11.95 -8.98
C ASP A 340 2.69 -11.43 -8.53
N ALA A 341 2.83 -11.23 -7.23
CA ALA A 341 4.08 -10.72 -6.68
C ALA A 341 5.20 -11.73 -6.90
N GLU A 342 4.88 -13.01 -6.74
CA GLU A 342 5.83 -14.07 -6.91
C GLU A 342 6.38 -14.09 -8.33
N HIS A 343 5.56 -13.67 -9.28
CA HIS A 343 5.97 -13.64 -10.69
C HIS A 343 6.15 -12.21 -11.19
N GLY A 344 6.29 -11.28 -10.25
CA GLY A 344 6.48 -9.88 -10.57
C GLY A 344 5.44 -9.27 -11.51
N ILE A 345 4.21 -9.76 -11.46
CA ILE A 345 3.17 -9.23 -12.33
C ILE A 345 2.03 -8.44 -11.69
N ARG A 346 2.31 -7.76 -10.58
CA ARG A 346 1.30 -6.93 -9.93
C ARG A 346 1.38 -5.63 -10.71
N THR A 347 0.29 -4.87 -10.73
CA THR A 347 0.31 -3.62 -11.45
C THR A 347 1.42 -2.71 -10.93
N GLU A 348 1.67 -2.73 -9.62
CA GLU A 348 2.72 -1.90 -9.08
C GLU A 348 4.06 -2.38 -9.65
N ASP A 349 4.14 -3.68 -9.97
CA ASP A 349 5.35 -4.26 -10.54
C ASP A 349 5.47 -3.82 -12.01
N MET A 350 4.32 -3.60 -12.65
CA MET A 350 4.25 -3.15 -14.05
C MET A 350 4.74 -1.71 -14.14
N ILE A 351 4.28 -0.90 -13.18
CA ILE A 351 4.67 0.50 -13.13
C ILE A 351 6.17 0.63 -12.89
N LYS A 352 6.69 -0.13 -11.92
CA LYS A 352 8.11 -0.10 -11.60
C LYS A 352 8.98 -0.45 -12.81
N ALA A 353 8.60 -1.52 -13.53
CA ALA A 353 9.35 -1.95 -14.71
C ALA A 353 9.23 -0.88 -15.80
N ALA A 354 8.09 -0.21 -15.86
CA ALA A 354 7.85 0.82 -16.86
C ALA A 354 8.56 2.13 -16.54
N GLY A 355 8.86 2.35 -15.26
CA GLY A 355 9.49 3.59 -14.87
C GLY A 355 8.56 4.76 -15.17
N ASP A 356 7.26 4.51 -15.12
CA ASP A 356 6.25 5.54 -15.41
C ASP A 356 4.98 5.27 -14.61
N ASP A 357 4.56 6.24 -13.79
CA ASP A 357 3.36 6.10 -12.96
C ASP A 357 2.09 5.87 -13.79
N ARG A 358 2.14 6.24 -15.07
CA ARG A 358 0.98 6.09 -15.95
C ARG A 358 0.84 4.69 -16.54
N ALA A 359 1.77 3.80 -16.22
CA ALA A 359 1.71 2.44 -16.75
C ALA A 359 0.70 1.60 -15.95
N LEU A 360 -0.50 2.13 -15.81
CA LEU A 360 -1.57 1.49 -15.06
C LEU A 360 -2.17 0.32 -15.84
N LEU A 361 -1.36 -0.72 -16.01
CA LEU A 361 -1.76 -1.90 -16.75
C LEU A 361 -1.67 -3.13 -15.86
N TYR A 362 -2.33 -4.20 -16.27
CA TYR A 362 -2.33 -5.43 -15.48
C TYR A 362 -2.11 -6.67 -16.33
N SER A 363 -1.07 -7.43 -16.01
CA SER A 363 -0.74 -8.66 -16.73
C SER A 363 -0.80 -9.85 -15.77
N GLY A 364 -1.32 -9.63 -14.56
CA GLY A 364 -1.41 -10.68 -13.56
C GLY A 364 -2.35 -11.81 -13.94
N VAL A 365 -2.50 -12.79 -13.05
CA VAL A 365 -3.35 -13.95 -13.31
C VAL A 365 -4.82 -13.77 -12.95
N GLY A 366 -5.14 -12.65 -12.32
CA GLY A 366 -6.53 -12.39 -11.96
C GLY A 366 -7.39 -12.29 -13.20
N GLY A 367 -8.18 -13.32 -13.48
CA GLY A 367 -9.04 -13.30 -14.65
C GLY A 367 -8.52 -14.22 -15.75
N GLY A 368 -7.38 -14.83 -15.50
CA GLY A 368 -6.80 -15.74 -16.47
C GLY A 368 -5.50 -15.24 -17.08
N ARG A 369 -4.84 -16.12 -17.81
CA ARG A 369 -3.58 -15.77 -18.46
C ARG A 369 -3.83 -14.69 -19.50
N ARG A 370 -3.01 -13.64 -19.47
CA ARG A 370 -3.11 -12.53 -20.39
C ARG A 370 -2.06 -12.64 -21.50
N LYS A 371 -2.37 -12.11 -22.67
CA LYS A 371 -1.43 -12.09 -23.80
C LYS A 371 -1.09 -10.61 -23.98
N ILE A 372 0.05 -10.32 -24.59
CA ILE A 372 0.39 -8.92 -24.84
C ILE A 372 -0.18 -8.63 -26.23
N GLN A 373 0.09 -9.51 -27.18
CA GLN A 373 -0.40 -9.39 -28.54
C GLN A 373 -1.12 -10.69 -28.87
N THR A 374 -2.08 -10.62 -29.80
CA THR A 374 -2.84 -11.82 -30.17
C THR A 374 -2.90 -12.03 -31.68
N ASP A 375 -2.89 -13.29 -32.09
CA ASP A 375 -2.95 -13.66 -33.50
C ASP A 375 -4.39 -13.57 -34.00
N ALA A 376 -5.32 -13.46 -33.05
CA ALA A 376 -6.74 -13.36 -33.38
C ALA A 376 -7.50 -12.80 -32.19
N ILE A 377 -8.42 -11.87 -32.45
CA ILE A 377 -9.20 -11.27 -31.38
C ILE A 377 -10.28 -12.23 -30.89
N SER A 378 -9.90 -13.07 -29.93
CA SER A 378 -10.83 -14.05 -29.37
C SER A 378 -11.57 -13.58 -28.12
N GLY A 379 -10.84 -13.02 -27.15
CA GLY A 379 -11.48 -12.56 -25.92
C GLY A 379 -10.76 -11.46 -25.16
N PHE A 380 -11.34 -11.11 -24.01
CA PHE A 380 -10.83 -10.06 -23.14
C PHE A 380 -9.38 -10.21 -22.66
N THR A 381 -8.90 -11.44 -22.54
CA THR A 381 -7.55 -11.67 -22.07
C THR A 381 -6.49 -11.72 -23.18
N ASP A 382 -6.84 -11.30 -24.39
CA ASP A 382 -5.90 -11.31 -25.49
C ASP A 382 -4.97 -10.09 -25.47
N GLY A 383 -5.14 -9.26 -24.45
CA GLY A 383 -4.31 -8.08 -24.29
C GLY A 383 -4.24 -7.77 -22.81
N LEU A 384 -3.36 -6.86 -22.41
CA LEU A 384 -3.25 -6.52 -20.98
C LEU A 384 -4.47 -5.71 -20.57
N SER A 385 -4.81 -5.75 -19.29
CA SER A 385 -5.96 -4.99 -18.81
C SER A 385 -5.52 -3.58 -18.45
N ILE A 386 -6.44 -2.63 -18.64
CA ILE A 386 -6.18 -1.24 -18.32
C ILE A 386 -6.93 -0.90 -17.03
N VAL A 387 -6.17 -0.60 -15.97
CA VAL A 387 -6.74 -0.25 -14.68
C VAL A 387 -6.47 1.21 -14.32
N LYS A 388 -6.47 2.06 -15.34
CA LYS A 388 -6.24 3.49 -15.15
C LYS A 388 -7.40 4.15 -14.39
N TRP A 389 -8.61 3.74 -14.73
CA TRP A 389 -9.79 4.29 -14.07
C TRP A 389 -10.15 3.40 -12.90
N GLN A 390 -10.41 4.01 -11.74
CA GLN A 390 -10.73 3.24 -10.55
C GLN A 390 -11.87 3.78 -9.73
N ASN A 391 -12.62 2.88 -9.10
CA ASN A 391 -13.68 3.31 -8.23
C ASN A 391 -13.19 3.18 -6.79
N TYR A 392 -12.01 3.73 -6.52
CA TYR A 392 -11.40 3.75 -5.20
C TYR A 392 -11.00 5.18 -4.90
N ARG A 393 -11.22 5.63 -3.67
CA ARG A 393 -10.85 6.99 -3.29
C ARG A 393 -9.38 6.99 -2.85
N SER A 394 -8.64 8.03 -3.21
CA SER A 394 -7.24 8.10 -2.81
C SER A 394 -7.09 8.19 -1.29
N ASP A 395 -8.09 8.75 -0.61
CA ASP A 395 -8.03 8.86 0.85
C ASP A 395 -8.54 7.59 1.53
N GLY A 396 -8.87 6.57 0.73
CA GLY A 396 -9.33 5.30 1.28
C GLY A 396 -10.75 5.23 1.82
N LYS A 397 -11.48 6.34 1.80
CA LYS A 397 -12.83 6.35 2.32
C LYS A 397 -13.82 5.57 1.44
N PRO A 398 -14.99 5.21 2.01
CA PRO A 398 -15.99 4.47 1.24
C PRO A 398 -16.56 5.25 0.06
N VAL A 399 -16.91 4.52 -1.01
CA VAL A 399 -17.53 5.14 -2.18
C VAL A 399 -19.02 5.02 -1.92
N SER A 400 -19.84 5.66 -2.74
CA SER A 400 -21.28 5.64 -2.54
C SER A 400 -22.00 4.34 -2.93
N HIS A 401 -21.50 3.65 -3.94
CA HIS A 401 -22.16 2.42 -4.38
C HIS A 401 -21.21 1.26 -4.65
N ALA A 402 -21.71 0.04 -4.46
CA ALA A 402 -20.91 -1.16 -4.66
C ALA A 402 -20.71 -1.55 -6.13
N THR A 403 -21.51 -0.96 -7.03
CA THR A 403 -21.42 -1.29 -8.44
C THR A 403 -21.05 -0.12 -9.35
N TYR A 404 -21.78 0.98 -9.22
CA TYR A 404 -21.52 2.16 -10.04
C TYR A 404 -20.51 3.05 -9.36
N PRO A 405 -19.51 3.54 -10.12
CA PRO A 405 -18.44 4.41 -9.61
C PRO A 405 -18.80 5.86 -9.35
N ASP A 406 -18.10 6.47 -8.39
CA ASP A 406 -18.28 7.87 -8.05
C ASP A 406 -17.32 8.70 -8.89
N THR A 407 -16.36 8.01 -9.49
CA THR A 407 -15.34 8.66 -10.30
C THR A 407 -15.85 9.56 -11.43
N ASP A 408 -15.37 10.80 -11.41
CA ASP A 408 -15.72 11.79 -12.42
C ASP A 408 -14.80 11.59 -13.60
N ILE A 409 -15.25 12.01 -14.77
CA ILE A 409 -14.43 11.92 -15.97
C ILE A 409 -13.82 13.31 -16.19
N PRO A 410 -12.49 13.45 -16.01
CA PRO A 410 -11.87 14.77 -16.23
C PRO A 410 -11.65 15.02 -17.71
N LEU A 411 -12.72 15.36 -18.42
CA LEU A 411 -12.68 15.60 -19.86
C LEU A 411 -11.55 16.57 -20.24
N PHE A 412 -11.51 17.71 -19.55
CA PHE A 412 -10.49 18.74 -19.77
C PHE A 412 -9.47 18.74 -18.62
N ARG A 413 -8.21 18.40 -18.91
CA ARG A 413 -7.14 18.39 -17.92
C ARG A 413 -6.04 19.38 -18.34
N LEU A 414 -5.37 19.98 -17.37
CA LEU A 414 -4.31 20.94 -17.66
C LEU A 414 -3.21 20.28 -18.49
N ALA A 415 -3.00 18.99 -18.27
CA ALA A 415 -1.98 18.26 -19.02
C ALA A 415 -2.15 18.48 -20.53
N GLU A 416 -3.38 18.66 -20.99
CA GLU A 416 -3.62 18.87 -22.41
C GLU A 416 -2.92 20.13 -22.91
N ALA A 417 -2.81 21.15 -22.06
CA ALA A 417 -2.17 22.39 -22.44
C ALA A 417 -0.65 22.21 -22.63
N TYR A 418 -0.04 21.37 -21.80
CA TYR A 418 1.40 21.15 -21.92
C TYR A 418 1.73 20.38 -23.19
N LEU A 419 0.97 19.32 -23.48
CA LEU A 419 1.20 18.53 -24.68
C LEU A 419 0.87 19.33 -25.94
N THR A 420 -0.15 20.17 -25.84
CA THR A 420 -0.55 21.01 -26.96
C THR A 420 0.51 22.08 -27.23
N ARG A 421 1.03 22.69 -26.17
CA ARG A 421 2.05 23.71 -26.36
C ARG A 421 3.32 23.01 -26.85
N ALA A 422 3.64 21.87 -26.25
CA ALA A 422 4.83 21.12 -26.63
C ALA A 422 4.77 20.76 -28.12
N GLU A 423 3.61 20.34 -28.59
CA GLU A 423 3.49 19.99 -30.00
C GLU A 423 3.58 21.22 -30.90
N ALA A 424 2.99 22.32 -30.46
CA ALA A 424 3.04 23.56 -31.24
C ALA A 424 4.45 24.10 -31.33
N ILE A 425 5.19 24.04 -30.22
CA ILE A 425 6.56 24.52 -30.20
C ILE A 425 7.39 23.65 -31.13
N PHE A 426 7.29 22.34 -30.97
CA PHE A 426 8.03 21.41 -31.81
C PHE A 426 7.80 21.69 -33.29
N ARG A 427 6.54 21.72 -33.72
CA ARG A 427 6.23 21.95 -35.13
C ARG A 427 6.68 23.33 -35.62
N GLN A 428 6.88 24.26 -34.69
CA GLN A 428 7.33 25.60 -35.05
C GLN A 428 8.86 25.65 -35.06
N GLY A 429 9.49 24.48 -34.89
CA GLY A 429 10.93 24.39 -34.90
C GLY A 429 11.66 24.69 -33.61
N GLY A 430 10.95 24.70 -32.48
CA GLY A 430 11.59 24.98 -31.22
C GLY A 430 11.85 23.77 -30.34
N ASP A 431 12.30 24.02 -29.12
CA ASP A 431 12.60 22.96 -28.15
C ASP A 431 11.42 22.72 -27.21
N ALA A 432 10.74 21.60 -27.41
CA ALA A 432 9.58 21.24 -26.61
C ALA A 432 9.87 20.29 -25.45
N THR A 433 11.15 20.03 -25.20
CA THR A 433 11.54 19.13 -24.11
C THR A 433 11.01 19.62 -22.76
N GLY A 434 11.06 20.93 -22.54
CA GLY A 434 10.59 21.49 -21.28
C GLY A 434 9.18 21.08 -20.91
N ASP A 435 8.24 21.28 -21.82
CA ASP A 435 6.84 20.93 -21.58
C ASP A 435 6.61 19.43 -21.47
N ILE A 436 7.31 18.63 -22.27
CA ILE A 436 7.13 17.19 -22.23
C ILE A 436 7.65 16.62 -20.91
N ASN A 437 8.78 17.13 -20.43
CA ASN A 437 9.32 16.63 -19.18
C ASN A 437 8.53 17.09 -17.97
N GLU A 438 7.69 18.10 -18.15
CA GLU A 438 6.86 18.58 -17.05
C GLU A 438 5.87 17.45 -16.73
N LEU A 439 5.37 16.79 -17.78
CA LEU A 439 4.43 15.69 -17.61
C LEU A 439 5.17 14.41 -17.20
N ARG A 440 6.33 14.16 -17.81
CA ARG A 440 7.10 12.96 -17.48
C ARG A 440 7.61 13.02 -16.04
N LYS A 441 7.92 14.23 -15.57
CA LYS A 441 8.39 14.45 -14.21
C LYS A 441 7.23 14.20 -13.24
N ARG A 442 6.04 14.66 -13.61
CA ARG A 442 4.87 14.46 -12.78
C ARG A 442 4.59 12.97 -12.65
N ALA A 443 4.76 12.23 -13.74
CA ALA A 443 4.53 10.78 -13.71
C ALA A 443 5.74 10.04 -13.15
N ASN A 444 6.68 10.80 -12.58
CA ASN A 444 7.90 10.22 -12.01
C ASN A 444 8.62 9.28 -12.97
N CYS A 445 8.81 9.73 -14.21
CA CYS A 445 9.47 8.92 -15.21
C CYS A 445 10.97 8.80 -14.94
N THR A 446 11.50 7.61 -15.14
CA THR A 446 12.93 7.38 -14.97
C THR A 446 13.63 7.91 -16.22
N ARG A 447 12.95 7.78 -17.36
CA ARG A 447 13.49 8.26 -18.62
C ARG A 447 12.99 9.67 -18.91
N LYS A 448 13.91 10.57 -19.22
CA LYS A 448 13.57 11.95 -19.55
C LYS A 448 13.86 12.15 -21.04
N VAL A 449 13.16 13.08 -21.66
CA VAL A 449 13.37 13.34 -23.08
C VAL A 449 14.53 14.33 -23.28
N GLN A 450 15.46 13.98 -24.17
CA GLN A 450 16.60 14.82 -24.45
C GLN A 450 16.29 15.72 -25.65
N THR A 451 15.46 15.20 -26.55
CA THR A 451 15.02 15.91 -27.73
C THR A 451 13.64 15.37 -28.11
N VAL A 452 12.81 16.21 -28.71
CA VAL A 452 11.48 15.80 -29.10
C VAL A 452 11.38 15.48 -30.59
N THR A 453 10.76 14.35 -30.89
CA THR A 453 10.54 13.92 -32.26
C THR A 453 9.04 13.74 -32.44
N GLU A 454 8.58 13.73 -33.67
CA GLU A 454 7.16 13.54 -33.94
C GLU A 454 6.68 12.28 -33.22
N GLN A 455 7.50 11.23 -33.30
CA GLN A 455 7.22 9.94 -32.70
C GLN A 455 7.04 10.00 -31.18
N GLU A 456 7.92 10.74 -30.52
CA GLU A 456 7.88 10.89 -29.07
C GLU A 456 6.61 11.61 -28.65
N LEU A 457 6.25 12.64 -29.41
CA LEU A 457 5.06 13.42 -29.13
C LEU A 457 3.79 12.60 -29.20
N ILE A 458 3.58 11.90 -30.32
CA ILE A 458 2.38 11.09 -30.49
C ILE A 458 2.35 9.94 -29.48
N ASP A 459 3.54 9.48 -29.07
CA ASP A 459 3.67 8.41 -28.08
C ASP A 459 3.32 8.98 -26.70
N GLU A 460 3.74 10.20 -26.45
CA GLU A 460 3.47 10.85 -25.17
C GLU A 460 1.98 11.21 -25.05
N TRP A 461 1.35 11.55 -26.18
CA TRP A 461 -0.08 11.86 -26.19
C TRP A 461 -0.85 10.62 -25.77
N ALA A 462 -0.28 9.46 -26.09
CA ALA A 462 -0.91 8.19 -25.76
C ALA A 462 -0.66 7.84 -24.29
N ARG A 463 0.58 8.02 -23.84
CA ARG A 463 0.92 7.72 -22.46
C ARG A 463 0.15 8.60 -21.48
N GLU A 464 -0.01 9.87 -21.83
CA GLU A 464 -0.73 10.81 -20.98
C GLU A 464 -2.26 10.67 -21.04
N PHE A 465 -2.81 10.59 -22.26
CA PHE A 465 -4.27 10.51 -22.40
C PHE A 465 -4.96 9.24 -22.85
N TYR A 466 -4.27 8.10 -22.84
CA TYR A 466 -4.95 6.88 -23.29
C TYR A 466 -6.24 6.61 -22.55
N LEU A 467 -7.27 6.22 -23.30
CA LEU A 467 -8.57 5.94 -22.75
C LEU A 467 -9.26 7.17 -22.20
N GLU A 468 -9.06 8.30 -22.85
CA GLU A 468 -9.72 9.53 -22.42
C GLU A 468 -10.54 10.13 -23.57
N GLY A 469 -10.75 9.30 -24.59
CA GLY A 469 -11.57 9.66 -25.74
C GLY A 469 -11.10 10.65 -26.78
N ARG A 470 -9.79 10.79 -26.97
CA ARG A 470 -9.29 11.73 -27.97
C ARG A 470 -8.29 11.13 -28.95
N ARG A 471 -7.78 9.95 -28.64
CA ARG A 471 -6.77 9.31 -29.47
C ARG A 471 -6.88 9.50 -30.99
N ARG A 472 -8.02 9.11 -31.57
CA ARG A 472 -8.20 9.24 -33.01
C ARG A 472 -7.82 10.61 -33.58
N SER A 473 -8.31 11.67 -32.95
CA SER A 473 -8.04 13.03 -33.39
C SER A 473 -6.54 13.37 -33.46
N ASP A 474 -5.80 12.96 -32.44
CA ASP A 474 -4.36 13.24 -32.45
C ASP A 474 -3.68 12.46 -33.57
N LEU A 475 -4.11 11.22 -33.79
CA LEU A 475 -3.53 10.39 -34.85
C LEU A 475 -3.78 11.00 -36.23
N VAL A 476 -4.99 11.49 -36.46
CA VAL A 476 -5.31 12.11 -37.74
C VAL A 476 -4.43 13.34 -37.98
N ARG A 477 -4.24 14.15 -36.94
CA ARG A 477 -3.41 15.33 -37.08
C ARG A 477 -1.99 14.95 -37.44
N PHE A 478 -1.48 13.85 -36.88
CA PHE A 478 -0.13 13.40 -37.19
C PHE A 478 -0.06 12.58 -38.49
N GLY A 479 -1.17 12.55 -39.22
CA GLY A 479 -1.20 11.80 -40.48
C GLY A 479 -0.87 10.34 -40.24
N MET A 480 -1.31 9.81 -39.10
CA MET A 480 -1.03 8.41 -38.75
C MET A 480 -2.26 7.53 -38.58
N PHE A 481 -3.45 8.12 -38.68
CA PHE A 481 -4.66 7.33 -38.47
C PHE A 481 -4.96 6.29 -39.57
N THR A 482 -4.88 6.68 -40.84
CA THR A 482 -5.18 5.75 -41.94
C THR A 482 -3.97 5.24 -42.74
N THR A 483 -2.89 6.02 -42.74
CA THR A 483 -1.67 5.74 -43.48
C THR A 483 -0.75 4.63 -42.98
N ASN A 484 0.34 4.42 -43.73
CA ASN A 484 1.36 3.43 -43.40
C ASN A 484 2.43 4.04 -42.48
N LYS A 485 2.27 5.33 -42.19
CA LYS A 485 3.22 6.05 -41.35
C LYS A 485 3.33 5.44 -39.95
N TYR A 486 2.26 4.77 -39.52
CA TYR A 486 2.23 4.13 -38.22
C TYR A 486 1.21 2.99 -38.25
N LEU A 487 1.71 1.77 -38.13
CA LEU A 487 0.83 0.60 -38.13
C LEU A 487 0.92 -0.07 -36.76
N TRP A 488 -0.23 -0.37 -36.19
CA TRP A 488 -0.33 -1.00 -34.88
C TRP A 488 -1.17 -2.28 -35.00
N ASP A 489 -1.02 -3.17 -34.03
CA ASP A 489 -1.74 -4.43 -34.06
C ASP A 489 -3.24 -4.26 -34.29
N TRP A 490 -3.72 -4.97 -35.31
CA TRP A 490 -5.11 -4.98 -35.71
C TRP A 490 -5.62 -3.72 -36.41
N LYS A 491 -4.70 -2.79 -36.69
CA LYS A 491 -5.11 -1.59 -37.41
C LYS A 491 -5.58 -2.07 -38.79
N GLY A 492 -6.72 -1.56 -39.24
CA GLY A 492 -7.23 -1.94 -40.54
C GLY A 492 -7.59 -3.41 -40.68
N GLY A 493 -7.72 -4.11 -39.55
CA GLY A 493 -8.09 -5.51 -39.60
C GLY A 493 -6.97 -6.52 -39.77
N ALA A 494 -5.72 -6.07 -39.78
CA ALA A 494 -4.61 -7.00 -39.94
C ALA A 494 -3.79 -7.14 -38.66
N MET A 495 -3.42 -8.38 -38.35
CA MET A 495 -2.64 -8.70 -37.17
C MET A 495 -1.56 -7.67 -36.84
N ASN A 496 -0.66 -7.41 -37.79
CA ASN A 496 0.42 -6.45 -37.57
C ASN A 496 0.05 -5.06 -38.05
N GLY A 497 -1.20 -4.91 -38.48
CA GLY A 497 -1.67 -3.63 -38.96
C GLY A 497 -1.51 -3.43 -40.44
N THR A 498 -2.42 -2.65 -41.03
CA THR A 498 -2.38 -2.35 -42.44
C THR A 498 -3.10 -1.02 -42.63
N SER A 499 -2.86 -0.36 -43.74
CA SER A 499 -3.50 0.94 -43.98
C SER A 499 -4.90 0.78 -44.55
N VAL A 500 -5.64 1.88 -44.55
CA VAL A 500 -7.00 1.93 -45.10
C VAL A 500 -7.11 3.24 -45.88
N ALA A 501 -8.16 3.39 -46.68
CA ALA A 501 -8.33 4.61 -47.48
C ALA A 501 -8.24 5.88 -46.64
N SER A 502 -7.64 6.92 -47.22
CA SER A 502 -7.47 8.18 -46.54
C SER A 502 -8.79 8.88 -46.22
N TYR A 503 -9.88 8.48 -46.89
CA TYR A 503 -11.17 9.11 -46.63
C TYR A 503 -11.73 8.69 -45.28
N TYR A 504 -11.09 7.70 -44.66
CA TYR A 504 -11.52 7.22 -43.36
C TYR A 504 -11.05 8.14 -42.24
N ASN A 505 -10.40 9.23 -42.60
CA ASN A 505 -9.95 10.20 -41.60
C ASN A 505 -11.14 11.01 -41.07
N LYS A 506 -12.28 10.80 -41.72
CA LYS A 506 -13.52 11.44 -41.33
C LYS A 506 -14.60 10.37 -41.33
N TYR A 507 -15.49 10.43 -40.34
CA TYR A 507 -16.58 9.46 -40.30
C TYR A 507 -17.58 9.91 -41.38
N PRO A 508 -18.40 8.99 -41.87
CA PRO A 508 -19.36 9.39 -42.90
C PRO A 508 -20.60 10.00 -42.26
N ILE A 509 -21.36 10.75 -43.04
CA ILE A 509 -22.59 11.32 -42.51
C ILE A 509 -23.53 10.11 -42.52
N PRO A 510 -24.24 9.85 -41.40
CA PRO A 510 -25.15 8.70 -41.36
C PRO A 510 -26.11 8.70 -42.55
N VAL A 511 -26.25 7.54 -43.19
CA VAL A 511 -27.13 7.42 -44.34
C VAL A 511 -28.55 7.88 -43.97
N SER A 512 -28.95 7.63 -42.73
CA SER A 512 -30.28 8.04 -42.27
C SER A 512 -30.46 9.55 -42.35
N ASP A 513 -29.41 10.31 -42.09
CA ASP A 513 -29.50 11.76 -42.16
C ASP A 513 -29.34 12.24 -43.60
N ILE A 514 -28.58 11.49 -44.39
CA ILE A 514 -28.40 11.84 -45.80
C ILE A 514 -29.78 11.75 -46.45
N ASN A 515 -30.54 10.72 -46.10
CA ASN A 515 -31.87 10.53 -46.63
C ASN A 515 -32.88 11.57 -46.16
N ASN A 516 -32.81 11.93 -44.89
CA ASN A 516 -33.75 12.91 -44.32
C ASN A 516 -33.44 14.38 -44.57
N ASN A 517 -32.17 14.72 -44.72
CA ASN A 517 -31.79 16.10 -44.96
C ASN A 517 -30.94 16.27 -46.21
N ARG A 518 -31.59 16.67 -47.30
CA ARG A 518 -30.90 16.86 -48.56
C ARG A 518 -29.86 17.97 -48.49
N ASN A 519 -29.88 18.73 -47.40
CA ASN A 519 -28.93 19.81 -47.21
C ASN A 519 -27.54 19.27 -46.88
N MET A 520 -27.50 18.04 -46.38
CA MET A 520 -26.24 17.41 -46.02
C MET A 520 -25.63 16.60 -47.17
N SER A 521 -24.35 16.83 -47.44
CA SER A 521 -23.65 16.09 -48.49
C SER A 521 -22.73 15.08 -47.83
N GLN A 522 -22.62 13.90 -48.42
CA GLN A 522 -21.77 12.85 -47.88
C GLN A 522 -20.29 13.22 -47.97
N ASN A 523 -19.48 12.69 -47.06
CA ASN A 523 -18.05 12.99 -47.08
C ASN A 523 -17.41 12.22 -48.22
N GLU A 524 -16.39 12.82 -48.82
CA GLU A 524 -15.68 12.23 -49.94
C GLU A 524 -15.14 10.84 -49.65
N GLY A 525 -15.25 9.95 -50.63
CA GLY A 525 -14.76 8.59 -50.47
C GLY A 525 -15.84 7.59 -50.16
N TYR A 526 -16.78 7.97 -49.30
CA TYR A 526 -17.86 7.08 -48.93
C TYR A 526 -18.90 7.03 -50.04
N LYS A 527 -19.59 5.90 -50.15
CA LYS A 527 -20.61 5.73 -51.17
C LYS A 527 -21.96 6.20 -50.64
N GLN B 13 22.62 -42.52 21.64
CA GLN B 13 22.54 -41.37 22.57
C GLN B 13 23.93 -40.78 22.80
N THR B 14 24.93 -41.64 23.05
CA THR B 14 26.30 -41.19 23.29
C THR B 14 27.35 -41.98 22.48
N GLY B 15 28.58 -41.49 22.48
CA GLY B 15 29.66 -42.14 21.76
C GLY B 15 29.41 -42.40 20.28
N GLY B 16 29.56 -43.65 19.87
CA GLY B 16 29.35 -44.02 18.49
C GLY B 16 28.01 -43.63 17.91
N SER B 17 26.97 -43.59 18.75
CA SER B 17 25.63 -43.24 18.30
C SER B 17 25.26 -41.79 18.58
N PHE B 18 26.23 -41.01 19.08
CA PHE B 18 26.03 -39.59 19.36
C PHE B 18 26.05 -38.89 18.01
N ASP B 19 24.95 -38.22 17.65
CA ASP B 19 24.89 -37.50 16.38
C ASP B 19 25.26 -36.04 16.62
N GLN B 20 26.55 -35.77 16.63
CA GLN B 20 27.07 -34.42 16.88
C GLN B 20 26.35 -33.31 16.10
N GLN B 21 26.32 -33.44 14.77
CA GLN B 21 25.65 -32.44 13.95
C GLN B 21 24.20 -32.25 14.39
N GLY B 22 23.47 -33.36 14.56
CA GLY B 22 22.08 -33.27 14.98
C GLY B 22 21.84 -32.61 16.33
N VAL B 23 22.67 -32.95 17.31
CA VAL B 23 22.56 -32.38 18.64
C VAL B 23 22.94 -30.90 18.59
N PHE B 24 23.89 -30.58 17.70
CA PHE B 24 24.31 -29.19 17.54
C PHE B 24 23.14 -28.36 17.03
N VAL B 25 22.43 -28.90 16.04
CA VAL B 25 21.27 -28.21 15.48
C VAL B 25 20.15 -28.08 16.50
N LYS B 26 19.97 -29.10 17.34
CA LYS B 26 18.93 -29.05 18.36
C LYS B 26 19.30 -27.97 19.40
N GLY B 27 20.58 -27.64 19.47
CA GLY B 27 21.02 -26.62 20.41
C GLY B 27 20.32 -25.30 20.11
N TYR B 28 20.26 -24.97 18.83
CA TYR B 28 19.61 -23.74 18.38
C TYR B 28 18.11 -23.90 18.37
N ALA B 29 17.65 -25.10 18.01
CA ALA B 29 16.23 -25.38 17.94
C ALA B 29 15.48 -25.11 19.24
N MET B 30 16.14 -25.30 20.37
CA MET B 30 15.51 -25.06 21.66
C MET B 30 15.13 -23.59 21.86
N LEU B 31 15.72 -22.71 21.06
CA LEU B 31 15.38 -21.29 21.15
C LEU B 31 14.03 -21.05 20.46
N GLY B 32 13.64 -21.95 19.57
CA GLY B 32 12.40 -21.76 18.84
C GLY B 32 11.32 -22.82 18.78
N VAL B 33 11.58 -24.02 19.30
CA VAL B 33 10.57 -25.07 19.31
C VAL B 33 10.51 -25.69 20.70
N THR B 34 9.34 -26.19 21.07
CA THR B 34 9.12 -26.78 22.39
C THR B 34 9.51 -28.24 22.53
N GLY B 35 9.43 -28.98 21.44
CA GLY B 35 9.75 -30.39 21.50
C GLY B 35 8.47 -31.10 21.90
N GLN B 36 8.45 -32.42 21.80
CA GLN B 36 7.25 -33.20 22.11
C GLN B 36 7.03 -33.44 23.60
N LYS B 37 5.86 -33.02 24.08
CA LYS B 37 5.47 -33.19 25.48
C LYS B 37 5.64 -34.66 25.88
N GLY B 38 6.37 -34.89 26.97
CA GLY B 38 6.58 -36.25 27.44
C GLY B 38 7.72 -36.96 26.72
N ILE B 39 7.65 -37.02 25.39
CA ILE B 39 8.67 -37.68 24.59
C ILE B 39 10.00 -37.02 24.93
N ASP B 40 10.17 -35.76 24.54
CA ASP B 40 11.40 -35.04 24.89
C ASP B 40 11.56 -33.60 24.45
N GLY B 41 10.95 -32.72 25.24
CA GLY B 41 11.05 -31.30 25.05
C GLY B 41 11.51 -30.97 26.45
N SER B 42 11.02 -29.89 27.04
CA SER B 42 11.38 -29.56 28.42
C SER B 42 10.66 -30.58 29.29
N PRO B 43 11.17 -30.88 30.50
CA PRO B 43 10.47 -31.86 31.33
C PRO B 43 8.95 -31.67 31.40
N ASP B 44 8.24 -32.76 31.17
CA ASP B 44 6.77 -32.76 31.17
C ASP B 44 6.17 -32.39 32.52
N LEU B 45 5.58 -31.20 32.59
CA LEU B 45 4.95 -30.73 33.82
C LEU B 45 3.43 -30.83 33.71
N ASP B 46 2.79 -31.32 34.76
CA ASP B 46 1.33 -31.43 34.76
C ASP B 46 0.74 -30.03 34.83
N GLY B 47 -0.31 -29.80 34.07
CA GLY B 47 -0.95 -28.50 34.07
C GLY B 47 -0.36 -27.54 33.06
N GLN B 48 0.76 -27.91 32.46
CA GLN B 48 1.41 -27.06 31.48
C GLN B 48 1.20 -27.61 30.08
N ASP B 49 0.53 -26.82 29.24
CA ASP B 49 0.31 -27.21 27.85
C ASP B 49 1.69 -27.14 27.19
N GLU B 50 1.96 -28.04 26.24
CA GLU B 50 3.25 -28.03 25.57
C GLU B 50 3.58 -26.65 25.00
N GLY B 51 2.58 -26.01 24.39
CA GLY B 51 2.78 -24.70 23.81
C GLY B 51 3.12 -23.62 24.82
N GLU B 52 3.13 -23.98 26.10
CA GLU B 52 3.46 -23.02 27.17
C GLU B 52 4.87 -23.23 27.72
N SER B 53 5.53 -24.29 27.28
CA SER B 53 6.87 -24.62 27.77
C SER B 53 8.04 -24.03 26.97
N GLY B 54 7.74 -23.47 25.81
CA GLY B 54 8.79 -22.91 24.98
C GLY B 54 9.73 -21.94 25.65
N PHE B 55 10.93 -21.86 25.11
CA PHE B 55 11.94 -20.95 25.63
C PHE B 55 11.50 -19.50 25.46
N TYR B 56 11.05 -19.16 24.26
CA TYR B 56 10.65 -17.79 23.97
C TYR B 56 9.47 -17.26 24.78
N ARG B 57 8.41 -18.06 24.85
CA ARG B 57 7.20 -17.67 25.57
C ARG B 57 7.37 -17.50 27.07
N THR B 58 8.03 -18.46 27.71
CA THR B 58 8.23 -18.38 29.16
C THR B 58 9.02 -17.14 29.53
N THR B 59 10.09 -16.86 28.78
CA THR B 59 10.91 -15.69 29.06
C THR B 59 10.18 -14.40 28.69
N PHE B 60 9.51 -14.43 27.53
CA PHE B 60 8.76 -13.27 27.05
C PHE B 60 7.73 -12.81 28.08
N ASN B 61 6.93 -13.74 28.59
CA ASN B 61 5.91 -13.39 29.57
C ASN B 61 6.49 -12.78 30.83
N CYS B 62 7.56 -13.38 31.37
CA CYS B 62 8.18 -12.84 32.58
C CYS B 62 8.75 -11.44 32.36
N ASN B 63 9.10 -11.11 31.12
CA ASN B 63 9.66 -9.79 30.83
C ASN B 63 8.67 -8.83 30.19
N GLU B 64 7.46 -9.29 29.92
CA GLU B 64 6.45 -8.43 29.28
C GLU B 64 5.15 -8.24 30.04
N LEU B 65 4.47 -9.36 30.33
CA LEU B 65 3.19 -9.29 31.01
C LEU B 65 3.07 -8.36 32.22
N PRO B 66 4.05 -8.33 33.12
CA PRO B 66 3.95 -7.43 34.28
C PRO B 66 4.32 -5.97 34.01
N THR B 67 4.80 -5.70 32.79
CA THR B 67 5.26 -4.37 32.41
C THR B 67 4.23 -3.42 31.83
N ASP B 68 4.69 -2.22 31.49
CA ASP B 68 3.84 -1.18 30.93
C ASP B 68 3.49 -1.40 29.46
N GLU B 69 4.16 -2.35 28.81
CA GLU B 69 3.94 -2.58 27.38
C GLU B 69 2.66 -3.29 26.95
N CYS B 70 2.28 -4.33 27.67
CA CYS B 70 1.11 -5.09 27.26
C CYS B 70 0.32 -5.73 28.38
N LEU B 71 -0.76 -6.39 28.01
CA LEU B 71 -1.66 -7.05 28.94
C LEU B 71 -2.21 -8.33 28.31
N TRP B 72 -2.33 -9.39 29.10
CA TRP B 72 -2.89 -10.64 28.60
C TRP B 72 -4.39 -10.54 28.89
N ALA B 73 -5.20 -10.50 27.83
CA ALA B 73 -6.64 -10.35 27.94
C ALA B 73 -7.38 -11.35 28.81
N TRP B 74 -6.96 -12.61 28.79
CA TRP B 74 -7.63 -13.63 29.58
C TRP B 74 -6.99 -13.80 30.94
N GLN B 75 -7.35 -12.91 31.86
CA GLN B 75 -6.82 -12.94 33.22
C GLN B 75 -7.16 -14.21 34.00
N LYS B 76 -8.15 -14.97 33.51
CA LYS B 76 -8.53 -16.20 34.19
C LYS B 76 -7.53 -17.33 33.97
N ASN B 77 -6.66 -17.19 32.98
CA ASN B 77 -5.64 -18.22 32.74
C ASN B 77 -4.78 -18.24 34.01
N GLN B 78 -4.42 -19.44 34.44
CA GLN B 78 -3.62 -19.61 35.64
C GLN B 78 -2.36 -18.76 35.72
N ASP B 79 -2.17 -18.09 36.86
CA ASP B 79 -0.99 -17.27 37.13
C ASP B 79 -0.83 -15.97 36.35
N ILE B 80 -1.81 -15.64 35.50
CA ILE B 80 -1.76 -14.41 34.71
C ILE B 80 -1.93 -13.17 35.58
N PRO B 81 -2.91 -13.19 36.51
CA PRO B 81 -3.09 -11.99 37.35
C PRO B 81 -1.81 -11.69 38.12
N GLN B 82 -1.18 -12.75 38.61
CA GLN B 82 0.07 -12.63 39.36
C GLN B 82 1.14 -11.94 38.53
N LEU B 83 1.36 -12.43 37.32
CA LEU B 83 2.35 -11.84 36.42
C LEU B 83 1.92 -10.45 35.97
N THR B 84 0.63 -10.27 35.69
CA THR B 84 0.11 -8.99 35.25
C THR B 84 0.35 -7.87 36.25
N SER B 85 0.27 -8.18 37.53
CA SER B 85 0.44 -7.14 38.54
C SER B 85 1.64 -7.29 39.48
N ILE B 86 2.63 -8.09 39.11
CA ILE B 86 3.82 -8.27 39.94
C ILE B 86 3.44 -8.70 41.36
N SER B 87 2.70 -9.79 41.47
CA SER B 87 2.26 -10.28 42.77
C SER B 87 2.37 -11.80 42.86
N TRP B 88 3.33 -12.36 42.14
CA TRP B 88 3.55 -13.80 42.14
C TRP B 88 4.22 -14.25 43.44
N SER B 89 4.19 -15.55 43.70
CA SER B 89 4.82 -16.11 44.88
C SER B 89 5.71 -17.26 44.42
N PRO B 90 6.51 -17.84 45.32
CA PRO B 90 7.39 -18.96 44.95
C PRO B 90 6.68 -20.15 44.31
N SER B 91 5.37 -20.22 44.45
CA SER B 91 4.63 -21.34 43.85
C SER B 91 4.08 -20.95 42.48
N SER B 92 4.55 -19.82 41.94
CA SER B 92 4.12 -19.34 40.63
C SER B 92 4.38 -20.39 39.54
N GLN B 93 3.33 -20.82 38.84
CA GLN B 93 3.55 -21.81 37.80
C GLN B 93 4.40 -21.29 36.63
N ARG B 94 4.13 -20.07 36.18
CA ARG B 94 4.87 -19.50 35.05
C ARG B 94 6.32 -19.18 35.43
N THR B 95 6.60 -19.05 36.72
CA THR B 95 7.96 -18.79 37.16
C THR B 95 8.71 -20.12 37.10
N GLU B 96 8.01 -21.21 37.40
CA GLU B 96 8.60 -22.54 37.38
C GLU B 96 8.87 -22.94 35.94
N TRP B 97 7.92 -22.63 35.07
CA TRP B 97 8.04 -22.95 33.65
C TRP B 97 9.30 -22.37 33.02
N VAL B 98 9.59 -21.09 33.24
CA VAL B 98 10.79 -20.48 32.65
C VAL B 98 12.06 -21.04 33.27
N TYR B 99 12.04 -21.24 34.59
CA TYR B 99 13.16 -21.79 35.34
C TYR B 99 13.54 -23.17 34.80
N VAL B 100 12.54 -24.05 34.77
CA VAL B 100 12.68 -25.42 34.28
C VAL B 100 13.15 -25.49 32.83
N ARG B 101 12.66 -24.57 31.99
CA ARG B 101 13.03 -24.54 30.58
C ARG B 101 14.47 -24.06 30.42
N LEU B 102 14.82 -23.00 31.14
CA LEU B 102 16.18 -22.47 31.07
C LEU B 102 17.14 -23.56 31.51
N GLY B 103 16.85 -24.17 32.65
CA GLY B 103 17.69 -25.22 33.17
C GLY B 103 17.83 -26.40 32.20
N TYR B 104 16.70 -26.84 31.65
CA TYR B 104 16.72 -27.97 30.72
C TYR B 104 17.58 -27.71 29.49
N ASP B 105 17.42 -26.54 28.88
CA ASP B 105 18.21 -26.19 27.71
C ASP B 105 19.69 -26.29 28.05
N ILE B 106 20.06 -25.79 29.23
CA ILE B 106 21.46 -25.83 29.64
C ILE B 106 21.98 -27.27 29.79
N THR B 107 21.16 -28.18 30.32
CA THR B 107 21.64 -29.56 30.46
C THR B 107 21.95 -30.08 29.06
N GLN B 108 21.10 -29.75 28.09
CA GLN B 108 21.34 -30.19 26.72
C GLN B 108 22.65 -29.63 26.17
N TYR B 109 22.95 -28.37 26.48
CA TYR B 109 24.21 -27.80 26.01
C TYR B 109 25.40 -28.48 26.68
N ASN B 110 25.31 -28.68 27.99
CA ASN B 110 26.39 -29.33 28.72
C ASN B 110 26.60 -30.74 28.18
N PHE B 111 25.50 -31.38 27.78
CA PHE B 111 25.58 -32.73 27.23
C PHE B 111 26.43 -32.72 25.96
N PHE B 112 26.11 -31.80 25.07
CA PHE B 112 26.84 -31.68 23.82
C PHE B 112 28.31 -31.38 24.10
N LEU B 113 28.56 -30.47 25.03
CA LEU B 113 29.93 -30.08 25.39
C LEU B 113 30.74 -31.23 25.99
N ASP B 114 30.09 -32.05 26.82
CA ASP B 114 30.77 -33.18 27.43
C ASP B 114 31.06 -34.26 26.39
N GLN B 115 30.12 -34.42 25.46
CA GLN B 115 30.27 -35.43 24.41
C GLN B 115 31.34 -35.08 23.39
N THR B 116 31.65 -33.80 23.26
CA THR B 116 32.65 -33.38 22.29
C THR B 116 33.97 -32.94 22.94
N GLU B 117 34.04 -33.06 24.26
CA GLU B 117 35.23 -32.68 25.02
C GLU B 117 36.48 -33.34 24.45
N GLY B 118 37.54 -32.56 24.24
CA GLY B 118 38.78 -33.10 23.71
C GLY B 118 38.94 -33.00 22.21
N MET B 119 37.84 -32.77 21.49
CA MET B 119 37.90 -32.65 20.03
C MET B 119 38.47 -31.29 19.64
N THR B 120 39.57 -31.30 18.89
CA THR B 120 40.20 -30.07 18.49
C THR B 120 40.03 -29.66 17.02
N ASP B 121 39.24 -30.41 16.26
CA ASP B 121 39.07 -30.04 14.85
C ASP B 121 38.30 -28.73 14.75
N ALA B 122 38.60 -27.98 13.69
CA ALA B 122 37.98 -26.67 13.45
C ALA B 122 36.45 -26.68 13.49
N GLU B 123 35.83 -27.68 12.90
CA GLU B 123 34.36 -27.74 12.89
C GLU B 123 33.84 -27.83 14.33
N THR B 124 34.32 -28.82 15.09
CA THR B 124 33.88 -28.98 16.47
C THR B 124 34.12 -27.75 17.32
N LEU B 125 35.29 -27.13 17.16
CA LEU B 125 35.61 -25.93 17.93
C LEU B 125 34.61 -24.82 17.67
N ARG B 126 34.16 -24.69 16.43
CA ARG B 126 33.21 -23.64 16.14
C ARG B 126 31.87 -24.02 16.76
N GLN B 127 31.50 -25.28 16.66
CA GLN B 127 30.24 -25.74 17.25
C GLN B 127 30.23 -25.51 18.75
N ARG B 128 31.29 -25.96 19.42
CA ARG B 128 31.40 -25.79 20.87
C ARG B 128 31.29 -24.31 21.25
N ALA B 129 31.98 -23.45 20.51
CA ALA B 129 31.96 -22.01 20.78
C ALA B 129 30.53 -21.46 20.72
N GLU B 130 29.79 -21.87 19.70
CA GLU B 130 28.41 -21.42 19.55
C GLU B 130 27.51 -22.03 20.62
N ILE B 131 27.76 -23.28 20.97
CA ILE B 131 26.95 -23.94 21.98
C ILE B 131 27.18 -23.26 23.33
N ARG B 132 28.42 -22.84 23.58
CA ARG B 132 28.73 -22.16 24.83
C ARG B 132 28.07 -20.79 24.84
N PHE B 133 27.87 -20.24 23.65
CA PHE B 133 27.21 -18.94 23.53
C PHE B 133 25.76 -19.11 23.97
N LEU B 134 25.09 -20.12 23.42
CA LEU B 134 23.70 -20.38 23.74
C LEU B 134 23.54 -20.62 25.24
N ARG B 135 24.49 -21.34 25.83
CA ARG B 135 24.47 -21.59 27.26
C ARG B 135 24.65 -20.27 28.01
N ALA B 136 25.61 -19.46 27.57
CA ALA B 136 25.87 -18.16 28.18
C ALA B 136 24.61 -17.31 28.13
N LEU B 137 23.97 -17.26 26.97
CA LEU B 137 22.75 -16.49 26.80
C LEU B 137 21.72 -16.97 27.81
N HIS B 138 21.63 -18.29 27.97
CA HIS B 138 20.68 -18.87 28.91
C HIS B 138 21.01 -18.45 30.35
N TYR B 139 22.28 -18.51 30.72
CA TYR B 139 22.67 -18.11 32.06
C TYR B 139 22.37 -16.63 32.31
N TRP B 140 22.33 -15.83 31.26
CA TRP B 140 22.01 -14.41 31.38
C TRP B 140 20.56 -14.23 31.79
N TYR B 141 19.69 -15.12 31.31
CA TYR B 141 18.27 -15.06 31.66
C TYR B 141 18.13 -15.42 33.13
N PHE B 142 18.87 -16.44 33.56
CA PHE B 142 18.82 -16.84 34.97
C PHE B 142 19.28 -15.66 35.83
N LEU B 143 20.38 -15.03 35.43
CA LEU B 143 20.92 -13.89 36.16
C LEU B 143 19.96 -12.72 36.19
N ASP B 144 19.47 -12.31 35.02
CA ASP B 144 18.57 -11.18 34.91
C ASP B 144 17.22 -11.39 35.59
N LEU B 145 16.70 -12.61 35.51
CA LEU B 145 15.41 -12.95 36.09
C LEU B 145 15.41 -13.32 37.58
N PHE B 146 16.35 -14.18 37.99
CA PHE B 146 16.40 -14.63 39.39
C PHE B 146 17.58 -14.09 40.19
N GLY B 147 18.57 -13.55 39.48
CA GLY B 147 19.76 -13.01 40.12
C GLY B 147 20.76 -14.10 40.46
N LYS B 148 20.41 -15.33 40.10
CA LYS B 148 21.26 -16.48 40.38
C LYS B 148 20.89 -17.59 39.40
N ALA B 149 21.35 -18.80 39.66
CA ALA B 149 21.04 -19.90 38.76
C ALA B 149 21.49 -21.25 39.26
N PRO B 150 20.71 -22.30 38.93
CA PRO B 150 21.07 -23.65 39.35
C PRO B 150 22.24 -23.98 38.43
N PHE B 151 23.45 -23.92 38.96
CA PHE B 151 24.65 -24.14 38.17
C PHE B 151 25.26 -25.54 38.06
N LYS B 152 25.67 -25.86 36.83
CA LYS B 152 26.33 -27.11 36.50
C LYS B 152 27.14 -26.88 35.23
N GLU B 153 28.40 -27.31 35.25
CA GLU B 153 29.24 -27.14 34.07
C GLU B 153 29.12 -28.38 33.18
N HIS B 154 28.78 -29.51 33.77
CA HIS B 154 28.66 -30.77 33.04
C HIS B 154 27.30 -31.46 33.17
N PHE B 155 27.11 -32.48 32.34
CA PHE B 155 25.89 -33.28 32.32
C PHE B 155 26.08 -34.43 33.30
N SER B 156 25.26 -34.49 34.36
CA SER B 156 25.38 -35.56 35.35
C SER B 156 24.15 -35.69 36.25
N ASN B 157 24.19 -36.65 37.15
CA ASN B 157 23.08 -36.88 38.07
C ASN B 157 23.19 -35.98 39.30
N ASP B 158 24.28 -35.25 39.42
CA ASP B 158 24.49 -34.38 40.56
C ASP B 158 23.64 -33.13 40.54
N LEU B 159 23.16 -32.76 41.72
CA LEU B 159 22.34 -31.58 41.90
C LEU B 159 23.13 -30.34 41.56
N PRO B 160 22.51 -29.39 40.85
CA PRO B 160 23.24 -28.18 40.51
C PRO B 160 23.57 -27.43 41.80
N VAL B 161 24.58 -26.57 41.75
CA VAL B 161 24.96 -25.79 42.91
C VAL B 161 24.60 -24.35 42.56
N GLU B 162 24.31 -23.55 43.56
CA GLU B 162 23.94 -22.17 43.31
C GLU B 162 25.14 -21.28 42.97
N LYS B 163 25.01 -20.53 41.90
CA LYS B 163 26.02 -19.57 41.49
C LYS B 163 25.17 -18.32 41.30
N LYS B 164 25.48 -17.26 42.02
CA LYS B 164 24.69 -16.05 41.90
C LYS B 164 25.43 -14.76 41.67
N GLY B 165 24.64 -13.70 41.52
CA GLY B 165 25.16 -12.37 41.31
C GLY B 165 26.47 -12.23 40.58
N THR B 166 27.40 -11.55 41.22
CA THR B 166 28.71 -11.29 40.64
C THR B 166 29.44 -12.54 40.14
N GLU B 167 29.28 -13.64 40.85
CA GLU B 167 29.94 -14.89 40.47
C GLU B 167 29.35 -15.41 39.16
N LEU B 168 28.02 -15.38 39.05
CA LEU B 168 27.36 -15.82 37.83
C LEU B 168 27.72 -14.87 36.70
N TYR B 169 27.65 -13.58 37.00
CA TYR B 169 27.97 -12.51 36.07
C TYR B 169 29.35 -12.72 35.45
N THR B 170 30.35 -12.89 36.31
CA THR B 170 31.73 -13.09 35.85
C THR B 170 31.89 -14.32 34.97
N TYR B 171 31.20 -15.40 35.32
CA TYR B 171 31.27 -16.63 34.56
C TYR B 171 30.76 -16.45 33.16
N ILE B 172 29.67 -15.67 33.00
CA ILE B 172 29.09 -15.44 31.68
C ILE B 172 30.06 -14.62 30.83
N GLN B 173 30.51 -13.50 31.37
CA GLN B 173 31.45 -12.65 30.66
C GLN B 173 32.64 -13.50 30.20
N ASN B 174 33.18 -14.29 31.13
CA ASN B 174 34.32 -15.15 30.87
C ASN B 174 34.11 -16.08 29.67
N GLU B 175 33.04 -16.88 29.74
CA GLU B 175 32.69 -17.81 28.66
C GLU B 175 32.71 -17.07 27.32
N LEU B 176 31.97 -15.97 27.28
CA LEU B 176 31.85 -15.15 26.09
C LEU B 176 33.19 -14.62 25.60
N ASN B 177 34.08 -14.28 26.53
CA ASN B 177 35.38 -13.76 26.14
C ASN B 177 36.26 -14.88 25.60
N GLU B 178 36.12 -16.08 26.18
CA GLU B 178 36.91 -17.24 25.78
C GLU B 178 36.52 -17.84 24.43
N ILE B 179 35.25 -17.78 24.07
CA ILE B 179 34.77 -18.37 22.82
C ILE B 179 34.74 -17.47 21.60
N GLU B 180 34.99 -16.18 21.79
CA GLU B 180 34.96 -15.22 20.68
C GLU B 180 35.82 -15.59 19.48
N ALA B 181 37.08 -15.89 19.72
CA ALA B 181 38.02 -16.22 18.66
C ALA B 181 37.55 -17.33 17.73
N ASP B 182 36.76 -18.28 18.25
CA ASP B 182 36.30 -19.37 17.40
C ASP B 182 35.00 -19.11 16.68
N MET B 183 34.34 -17.99 16.97
CA MET B 183 33.07 -17.66 16.34
C MET B 183 33.22 -16.93 15.02
N TYR B 184 32.23 -17.09 14.14
CA TYR B 184 32.25 -16.46 12.83
C TYR B 184 32.44 -14.95 12.85
N GLU B 185 32.91 -14.42 11.73
CA GLU B 185 33.08 -12.99 11.59
C GLU B 185 31.66 -12.46 11.45
N PRO B 186 31.41 -11.21 11.83
CA PRO B 186 30.04 -10.70 11.70
C PRO B 186 29.45 -10.90 10.29
N ARG B 187 28.28 -11.52 10.27
CA ARG B 187 27.52 -11.81 9.05
C ARG B 187 28.14 -12.84 8.12
N GLN B 188 29.03 -13.67 8.65
CA GLN B 188 29.65 -14.71 7.85
C GLN B 188 29.05 -16.09 8.16
N ALA B 189 28.35 -16.20 9.28
CA ALA B 189 27.75 -17.47 9.65
C ALA B 189 26.44 -17.74 8.91
N PRO B 190 26.04 -19.01 8.80
CA PRO B 190 24.79 -19.32 8.10
C PRO B 190 23.70 -18.60 8.91
N PHE B 191 22.72 -18.01 8.24
CA PHE B 191 21.66 -17.30 8.93
C PHE B 191 21.03 -18.21 9.99
N GLY B 192 20.97 -17.71 11.22
CA GLY B 192 20.40 -18.49 12.30
C GLY B 192 21.46 -18.82 13.36
N ARG B 193 22.73 -18.76 12.98
CA ARG B 193 23.81 -19.06 13.90
C ARG B 193 24.44 -17.78 14.43
N ALA B 194 24.99 -17.85 15.63
CA ALA B 194 25.61 -16.69 16.26
C ALA B 194 27.07 -16.46 15.89
N ASP B 195 27.42 -15.20 15.63
CA ASP B 195 28.79 -14.80 15.26
C ASP B 195 29.36 -13.89 16.35
N LYS B 196 30.56 -13.36 16.11
CA LYS B 196 31.22 -12.47 17.09
C LYS B 196 30.37 -11.28 17.51
N ALA B 197 29.52 -10.79 16.61
CA ALA B 197 28.66 -9.65 16.93
C ALA B 197 27.59 -10.06 17.94
N ALA B 198 27.09 -11.28 17.83
CA ALA B 198 26.08 -11.74 18.78
C ALA B 198 26.78 -11.82 20.13
N ASN B 199 28.05 -12.26 20.12
CA ASN B 199 28.85 -12.38 21.33
C ASN B 199 29.07 -11.01 21.95
N TRP B 200 29.51 -10.05 21.13
CA TRP B 200 29.75 -8.70 21.63
C TRP B 200 28.48 -8.04 22.15
N LEU B 201 27.37 -8.25 21.44
CA LEU B 201 26.10 -7.66 21.84
C LEU B 201 25.65 -8.18 23.22
N LEU B 202 25.78 -9.48 23.46
CA LEU B 202 25.37 -10.05 24.75
C LEU B 202 26.26 -9.51 25.87
N ARG B 203 27.52 -9.24 25.56
CA ARG B 203 28.43 -8.71 26.57
C ARG B 203 28.07 -7.26 26.84
N ALA B 204 27.72 -6.52 25.79
CA ALA B 204 27.35 -5.13 25.97
C ALA B 204 26.12 -5.11 26.87
N ARG B 205 25.21 -6.06 26.65
CA ARG B 205 24.01 -6.15 27.48
C ARG B 205 24.42 -6.40 28.93
N LEU B 206 25.32 -7.36 29.13
CA LEU B 206 25.81 -7.70 30.46
C LEU B 206 26.47 -6.50 31.14
N TYR B 207 27.35 -5.81 30.43
CA TYR B 207 28.02 -4.64 30.96
C TYR B 207 27.04 -3.53 31.31
N LEU B 208 26.02 -3.36 30.48
CA LEU B 208 25.02 -2.33 30.73
C LEU B 208 24.30 -2.57 32.06
N ASN B 209 24.02 -3.84 32.35
CA ASN B 209 23.32 -4.20 33.59
C ASN B 209 24.26 -4.64 34.71
N ALA B 210 25.55 -4.35 34.58
CA ALA B 210 26.53 -4.75 35.59
C ALA B 210 26.16 -4.20 36.96
N GLY B 211 25.69 -2.95 37.00
CA GLY B 211 25.32 -2.35 38.26
C GLY B 211 24.28 -3.20 38.96
N VAL B 212 23.28 -3.63 38.19
CA VAL B 212 22.20 -4.45 38.73
C VAL B 212 22.67 -5.81 39.21
N TYR B 213 23.49 -6.47 38.41
CA TYR B 213 23.95 -7.82 38.77
C TYR B 213 25.11 -7.91 39.78
N THR B 214 25.98 -6.92 39.79
CA THR B 214 27.14 -6.97 40.68
C THR B 214 27.20 -5.90 41.77
N GLY B 215 26.56 -4.76 41.52
CA GLY B 215 26.59 -3.68 42.48
C GLY B 215 27.49 -2.58 41.95
N GLN B 216 28.30 -2.96 40.95
CA GLN B 216 29.23 -2.02 40.31
C GLN B 216 28.86 -1.84 38.84
N THR B 217 28.67 -0.59 38.43
CA THR B 217 28.32 -0.31 37.04
C THR B 217 29.57 -0.47 36.17
N ASP B 218 29.39 -0.50 34.85
CA ASP B 218 30.51 -0.64 33.93
C ASP B 218 30.06 -0.16 32.56
N TYR B 219 29.55 1.07 32.53
CA TYR B 219 29.07 1.64 31.30
C TYR B 219 30.16 1.83 30.24
N ALA B 220 31.40 1.95 30.68
CA ALA B 220 32.50 2.13 29.72
C ALA B 220 32.58 0.88 28.84
N LYS B 221 32.51 -0.29 29.45
CA LYS B 221 32.57 -1.53 28.70
C LYS B 221 31.30 -1.74 27.87
N ALA B 222 30.17 -1.24 28.37
CA ALA B 222 28.91 -1.35 27.65
C ALA B 222 29.05 -0.60 26.33
N GLU B 223 29.64 0.59 26.41
CA GLU B 223 29.87 1.44 25.24
C GLU B 223 30.85 0.78 24.27
N GLU B 224 31.92 0.23 24.82
CA GLU B 224 32.96 -0.41 24.01
C GLU B 224 32.41 -1.54 23.15
N TYR B 225 31.77 -2.51 23.79
CA TYR B 225 31.22 -3.64 23.05
C TYR B 225 30.05 -3.24 22.18
N ALA B 226 29.29 -2.23 22.60
CA ALA B 226 28.17 -1.77 21.79
C ALA B 226 28.75 -1.21 20.51
N SER B 227 29.85 -0.47 20.63
CA SER B 227 30.53 0.12 19.48
C SER B 227 31.08 -0.96 18.56
N LYS B 228 31.62 -2.03 19.17
CA LYS B 228 32.11 -3.14 18.38
C LYS B 228 30.97 -3.63 17.48
N VAL B 229 29.78 -3.80 18.05
CA VAL B 229 28.66 -4.25 17.24
C VAL B 229 28.28 -3.23 16.17
N ILE B 230 28.21 -1.96 16.55
CA ILE B 230 27.83 -0.90 15.60
C ILE B 230 28.80 -0.74 14.43
N GLY B 231 30.09 -0.98 14.67
CA GLY B 231 31.06 -0.85 13.60
C GLY B 231 31.17 -2.09 12.73
N SER B 232 30.44 -3.15 13.08
CA SER B 232 30.50 -4.39 12.30
C SER B 232 29.78 -4.24 10.96
N ALA B 233 29.72 -5.33 10.20
CA ALA B 233 29.07 -5.30 8.89
C ALA B 233 27.56 -5.10 9.04
N TYR B 234 27.02 -5.38 10.23
CA TYR B 234 25.58 -5.20 10.46
C TYR B 234 25.18 -3.75 10.26
N LYS B 235 23.95 -3.54 9.79
CA LYS B 235 23.43 -2.20 9.53
C LYS B 235 21.94 -2.17 9.85
N LEU B 236 21.39 -0.97 10.05
CA LEU B 236 19.96 -0.82 10.36
C LEU B 236 19.05 -0.95 9.14
N CYS B 237 17.96 -1.68 9.32
CA CYS B 237 16.95 -1.91 8.30
C CYS B 237 16.32 -0.53 8.03
N THR B 238 16.17 -0.18 6.75
CA THR B 238 15.60 1.13 6.39
C THR B 238 14.10 1.22 6.63
N ASN B 239 13.42 0.09 6.73
CA ASN B 239 11.99 0.07 6.99
C ASN B 239 11.78 -0.77 8.24
N TYR B 240 11.52 -0.09 9.36
CA TYR B 240 11.32 -0.76 10.64
C TYR B 240 10.40 -1.97 10.60
N SER B 241 9.20 -1.80 10.05
CA SER B 241 8.21 -2.88 10.00
C SER B 241 8.71 -4.17 9.37
N GLU B 242 9.60 -4.05 8.38
CA GLU B 242 10.12 -5.23 7.68
C GLU B 242 10.91 -6.18 8.57
N LEU B 243 11.40 -5.69 9.71
CA LEU B 243 12.17 -6.52 10.63
C LEU B 243 11.28 -7.57 11.28
N PHE B 244 9.99 -7.30 11.30
CA PHE B 244 9.06 -8.20 11.94
C PHE B 244 8.07 -8.81 10.97
N MET B 245 8.50 -8.96 9.71
CA MET B 245 7.62 -9.53 8.70
C MET B 245 8.01 -10.95 8.31
N ALA B 246 7.11 -11.62 7.61
CA ALA B 246 7.29 -13.01 7.20
C ALA B 246 8.53 -13.28 6.36
N ASP B 247 9.04 -12.27 5.66
CA ASP B 247 10.23 -12.51 4.86
C ASP B 247 11.48 -11.92 5.49
N ASN B 248 11.52 -11.85 6.82
CA ASN B 248 12.69 -11.31 7.50
C ASN B 248 13.89 -12.26 7.47
N ASP B 249 13.76 -13.38 6.73
CA ASP B 249 14.86 -14.31 6.61
C ASP B 249 15.20 -14.47 5.12
N GLU B 250 14.67 -13.56 4.30
CA GLU B 250 14.90 -13.56 2.87
C GLU B 250 14.88 -12.13 2.32
N ASN B 251 14.98 -11.17 3.23
CA ASN B 251 14.99 -9.75 2.87
C ASN B 251 16.28 -9.17 3.43
N GLU B 252 17.19 -8.78 2.55
CA GLU B 252 18.48 -8.22 2.96
C GLU B 252 18.29 -6.99 3.85
N ASN B 253 17.27 -6.20 3.55
CA ASN B 253 17.01 -4.99 4.32
C ASN B 253 16.89 -5.32 5.80
N ALA B 254 16.12 -6.37 6.09
CA ALA B 254 15.90 -6.82 7.46
C ALA B 254 17.06 -7.65 8.02
N MET B 255 17.57 -8.57 7.21
CA MET B 255 18.67 -9.44 7.64
C MET B 255 19.96 -8.73 8.01
N GLN B 256 20.23 -7.58 7.39
CA GLN B 256 21.45 -6.83 7.68
C GLN B 256 21.48 -6.34 9.13
N GLU B 257 20.31 -6.27 9.76
CA GLU B 257 20.21 -5.81 11.14
C GLU B 257 20.09 -6.96 12.14
N ILE B 258 19.48 -8.05 11.71
CA ILE B 258 19.25 -9.19 12.58
C ILE B 258 20.50 -9.99 12.89
N ILE B 259 21.04 -9.74 14.08
CA ILE B 259 22.24 -10.39 14.57
C ILE B 259 21.99 -11.85 15.01
N LEU B 260 20.84 -12.11 15.61
CA LEU B 260 20.49 -13.47 16.03
C LEU B 260 19.00 -13.71 15.90
N PRO B 261 18.59 -14.46 14.87
CA PRO B 261 17.18 -14.75 14.66
C PRO B 261 16.79 -16.13 15.16
N ILE B 262 15.55 -16.26 15.62
CA ILE B 262 15.05 -17.55 16.04
C ILE B 262 14.23 -17.94 14.83
N ARG B 263 14.75 -18.86 14.04
CA ARG B 263 14.06 -19.29 12.83
C ARG B 263 12.69 -19.87 13.16
N GLN B 264 11.69 -19.45 12.39
CA GLN B 264 10.31 -19.93 12.54
C GLN B 264 9.78 -20.13 11.12
N ASP B 265 9.00 -21.18 10.91
CA ASP B 265 8.44 -21.41 9.59
C ASP B 265 7.02 -21.95 9.64
N GLY B 266 6.18 -21.45 8.75
CA GLY B 266 4.79 -21.86 8.69
C GLY B 266 4.55 -23.35 8.63
N VAL B 267 5.36 -24.08 7.87
CA VAL B 267 5.15 -25.51 7.79
C VAL B 267 6.20 -26.34 8.49
N LYS B 268 7.43 -25.84 8.54
CA LYS B 268 8.52 -26.60 9.15
C LYS B 268 8.87 -26.37 10.62
N THR B 269 8.83 -25.12 11.06
CA THR B 269 9.20 -24.81 12.44
C THR B 269 8.09 -24.05 13.15
N ARG B 270 7.21 -24.81 13.79
CA ARG B 270 6.06 -24.27 14.52
C ARG B 270 6.20 -24.30 16.04
N ASN B 271 5.64 -23.30 16.69
CA ASN B 271 5.69 -23.18 18.14
C ASN B 271 4.60 -22.21 18.58
N TYR B 272 3.58 -22.71 19.27
CA TYR B 272 2.50 -21.85 19.74
C TYR B 272 3.05 -20.65 20.49
N GLY B 273 4.22 -20.83 21.10
CA GLY B 273 4.83 -19.76 21.85
C GLY B 273 5.92 -19.05 21.09
N GLY B 274 5.97 -19.26 19.78
CA GLY B 274 6.98 -18.63 18.95
C GLY B 274 6.42 -17.42 18.25
N SER B 275 6.75 -17.22 16.98
CA SER B 275 6.23 -16.08 16.25
C SER B 275 4.71 -16.23 16.14
N THR B 276 4.23 -17.47 16.26
CA THR B 276 2.81 -17.77 16.21
C THR B 276 2.13 -17.00 17.34
N TYR B 277 2.79 -17.00 18.49
CA TYR B 277 2.31 -16.31 19.70
C TYR B 277 2.24 -14.81 19.45
N LEU B 278 3.20 -14.29 18.69
CA LEU B 278 3.27 -12.86 18.40
C LEU B 278 2.31 -12.38 17.31
N VAL B 279 1.92 -13.27 16.41
CA VAL B 279 0.99 -12.89 15.35
C VAL B 279 -0.44 -13.25 15.75
N CYS B 280 -0.68 -14.53 16.01
CA CYS B 280 -2.01 -15.02 16.41
C CYS B 280 -2.46 -14.44 17.75
N GLY B 281 -1.54 -14.38 18.71
CA GLY B 281 -1.88 -13.87 20.02
C GLY B 281 -2.28 -12.41 20.10
N THR B 282 -1.92 -11.64 19.08
CA THR B 282 -2.24 -10.22 19.07
C THR B 282 -3.36 -9.86 18.11
N ARG B 283 -3.97 -10.87 17.50
CA ARG B 283 -5.04 -10.59 16.55
C ARG B 283 -6.39 -11.16 17.00
N VAL B 284 -7.46 -10.69 16.37
CA VAL B 284 -8.80 -11.16 16.66
C VAL B 284 -9.59 -11.06 15.35
N ALA B 285 -10.51 -12.00 15.14
CA ALA B 285 -11.32 -12.02 13.93
C ALA B 285 -11.94 -10.64 13.74
N GLY B 286 -11.86 -10.13 12.51
CA GLY B 286 -12.41 -8.82 12.22
C GLY B 286 -11.33 -7.80 11.91
N MET B 287 -10.14 -8.00 12.47
CA MET B 287 -9.03 -7.10 12.21
C MET B 287 -8.58 -7.25 10.77
N PRO B 288 -8.28 -6.14 10.10
CA PRO B 288 -7.84 -6.26 8.71
C PRO B 288 -6.44 -6.84 8.64
N ARG B 289 -6.18 -7.62 7.59
CA ARG B 289 -4.87 -8.23 7.36
C ARG B 289 -4.30 -8.91 8.59
N MET B 290 -4.97 -9.98 9.03
CA MET B 290 -4.55 -10.75 10.20
C MET B 290 -3.31 -11.58 9.92
N GLY B 291 -3.15 -11.99 8.66
CA GLY B 291 -1.99 -12.80 8.30
C GLY B 291 -2.08 -14.20 8.88
N THR B 292 -3.25 -14.53 9.42
CA THR B 292 -3.48 -15.84 10.02
C THR B 292 -4.97 -16.09 10.08
N THR B 293 -5.35 -17.37 10.14
CA THR B 293 -6.76 -17.73 10.21
C THR B 293 -7.26 -17.70 11.66
N ASN B 294 -6.34 -17.69 12.61
CA ASN B 294 -6.73 -17.72 14.00
C ASN B 294 -6.19 -16.61 14.92
N GLY B 295 -7.11 -15.75 15.37
CA GLY B 295 -6.75 -14.67 16.27
C GLY B 295 -7.16 -15.05 17.68
N TRP B 296 -6.20 -15.18 18.59
CA TRP B 296 -6.48 -15.58 19.97
C TRP B 296 -6.94 -14.43 20.85
N SER B 297 -6.80 -13.21 20.38
CA SER B 297 -7.19 -12.02 21.15
C SER B 297 -6.65 -12.13 22.57
N CYS B 298 -5.34 -12.29 22.70
CA CYS B 298 -4.69 -12.41 24.00
C CYS B 298 -3.86 -11.19 24.42
N ILE B 299 -2.99 -10.74 23.52
CA ILE B 299 -2.10 -9.63 23.84
C ILE B 299 -2.45 -8.29 23.22
N PHE B 300 -2.53 -7.26 24.06
CA PHE B 300 -2.83 -5.92 23.60
C PHE B 300 -2.07 -4.89 24.45
N ALA B 301 -1.89 -3.69 23.90
CA ALA B 301 -1.13 -2.65 24.59
C ALA B 301 -1.82 -1.95 25.74
N ARG B 302 -1.05 -1.60 26.76
CA ARG B 302 -1.58 -0.88 27.90
C ARG B 302 -1.59 0.58 27.48
N ALA B 303 -2.37 1.40 28.18
CA ALA B 303 -2.43 2.81 27.84
C ALA B 303 -1.03 3.42 27.87
N ALA B 304 -0.22 3.01 28.85
CA ALA B 304 1.13 3.54 28.99
C ALA B 304 2.00 3.24 27.78
N MET B 305 1.68 2.18 27.05
CA MET B 305 2.47 1.83 25.86
C MET B 305 2.13 2.80 24.76
N VAL B 306 0.84 3.06 24.59
CA VAL B 306 0.41 3.99 23.55
C VAL B 306 0.99 5.38 23.83
N GLN B 307 1.08 5.73 25.11
CA GLN B 307 1.61 7.05 25.48
C GLN B 307 3.06 7.21 25.04
N LYS B 308 3.74 6.10 24.81
CA LYS B 308 5.13 6.15 24.37
C LYS B 308 5.23 6.85 23.02
N PHE B 309 4.17 6.75 22.22
CA PHE B 309 4.13 7.39 20.91
C PHE B 309 3.26 8.64 20.92
N PHE B 310 2.38 8.75 21.91
CA PHE B 310 1.49 9.91 22.04
C PHE B 310 1.53 10.40 23.49
N SER B 311 2.45 11.32 23.78
CA SER B 311 2.59 11.88 25.13
C SER B 311 1.23 12.32 25.68
N ASN B 312 0.39 12.85 24.80
CA ASN B 312 -0.96 13.28 25.18
C ASN B 312 -1.88 12.26 24.55
N LEU B 313 -2.40 11.33 25.34
CA LEU B 313 -3.29 10.29 24.83
C LEU B 313 -4.52 10.81 24.12
N GLU B 314 -4.72 12.13 24.16
CA GLU B 314 -5.86 12.70 23.47
C GLU B 314 -5.53 12.90 22.00
N ASP B 315 -4.25 12.76 21.66
CA ASP B 315 -3.80 12.91 20.28
C ASP B 315 -3.92 11.59 19.52
N VAL B 316 -4.14 10.50 20.26
CA VAL B 316 -4.28 9.18 19.65
C VAL B 316 -5.57 9.13 18.82
N PRO B 317 -5.47 8.66 17.56
CA PRO B 317 -6.63 8.56 16.68
C PRO B 317 -7.66 7.56 17.23
N MET B 318 -8.87 8.03 17.49
CA MET B 318 -9.92 7.17 18.03
C MET B 318 -11.30 7.44 17.42
N LEU B 319 -12.11 6.38 17.38
CA LEU B 319 -13.46 6.49 16.88
C LEU B 319 -14.24 7.18 18.00
N PRO B 320 -15.05 8.20 17.67
CA PRO B 320 -15.82 8.89 18.72
C PRO B 320 -16.78 7.92 19.41
N ALA B 321 -17.02 8.14 20.70
CA ALA B 321 -17.92 7.26 21.44
C ALA B 321 -19.36 7.34 20.93
N ASP B 322 -19.71 8.45 20.27
CA ASP B 322 -21.06 8.62 19.75
C ASP B 322 -21.23 8.06 18.34
N VAL B 323 -20.18 7.45 17.81
CA VAL B 323 -20.25 6.85 16.47
C VAL B 323 -20.44 5.36 16.67
N GLU B 324 -21.54 4.82 16.17
CA GLU B 324 -21.80 3.40 16.35
C GLU B 324 -21.18 2.55 15.26
N ILE B 325 -20.77 1.36 15.64
CA ILE B 325 -20.18 0.43 14.68
C ILE B 325 -21.30 -0.43 14.10
N PRO B 326 -21.51 -0.35 12.78
CA PRO B 326 -22.57 -1.12 12.11
C PRO B 326 -22.45 -2.62 12.37
N THR B 327 -23.60 -3.29 12.47
CA THR B 327 -23.66 -4.72 12.71
C THR B 327 -23.49 -5.50 11.42
N LYS B 328 -23.64 -4.80 10.30
CA LYS B 328 -23.50 -5.42 8.99
C LYS B 328 -22.74 -4.48 8.05
N GLY B 329 -22.11 -5.05 7.03
CA GLY B 329 -21.38 -4.24 6.07
C GLY B 329 -19.91 -4.04 6.41
N LEU B 330 -19.40 -4.82 7.36
CA LEU B 330 -18.00 -4.72 7.76
C LEU B 330 -17.46 -6.14 7.87
N ASP B 331 -17.64 -6.91 6.79
CA ASP B 331 -17.21 -8.30 6.77
C ASP B 331 -15.86 -8.53 6.07
N THR B 332 -15.46 -7.60 5.22
CA THR B 332 -14.19 -7.75 4.52
C THR B 332 -13.16 -6.72 4.95
N ASP B 333 -11.90 -6.98 4.61
CA ASP B 333 -10.81 -6.06 4.94
C ASP B 333 -11.07 -4.71 4.27
N GLU B 334 -11.52 -4.76 3.02
CA GLU B 334 -11.82 -3.56 2.25
C GLU B 334 -12.86 -2.71 2.99
N GLN B 335 -13.93 -3.35 3.45
CA GLN B 335 -14.99 -2.66 4.16
C GLN B 335 -14.48 -2.05 5.47
N ILE B 336 -13.66 -2.82 6.19
CA ILE B 336 -13.10 -2.37 7.46
C ILE B 336 -12.17 -1.19 7.26
N ASP B 337 -11.29 -1.28 6.26
CA ASP B 337 -10.35 -0.20 6.00
C ASP B 337 -11.07 1.09 5.62
N ALA B 338 -12.04 0.97 4.72
CA ALA B 338 -12.80 2.14 4.28
C ALA B 338 -13.44 2.81 5.49
N PHE B 339 -14.03 2.00 6.37
CA PHE B 339 -14.66 2.53 7.57
C PHE B 339 -13.62 3.19 8.47
N ASP B 340 -12.48 2.54 8.64
CA ASP B 340 -11.40 3.09 9.47
C ASP B 340 -10.86 4.37 8.84
N ALA B 341 -10.73 4.37 7.52
CA ALA B 341 -10.22 5.54 6.81
C ALA B 341 -11.14 6.73 7.02
N GLU B 342 -12.44 6.49 6.95
CA GLU B 342 -13.42 7.56 7.12
C GLU B 342 -13.25 8.24 8.47
N HIS B 343 -12.90 7.45 9.49
CA HIS B 343 -12.71 7.96 10.85
C HIS B 343 -11.24 8.08 11.23
N GLY B 344 -10.38 8.18 10.21
CA GLY B 344 -8.94 8.31 10.46
C GLY B 344 -8.34 7.36 11.47
N ILE B 345 -8.75 6.10 11.46
CA ILE B 345 -8.21 5.13 12.41
C ILE B 345 -7.60 3.85 11.84
N ARG B 346 -7.04 3.93 10.64
CA ARG B 346 -6.35 2.79 10.04
C ARG B 346 -4.99 2.86 10.72
N THR B 347 -4.29 1.74 10.78
CA THR B 347 -2.97 1.75 11.41
C THR B 347 -2.04 2.76 10.73
N GLU B 348 -2.19 2.91 9.42
CA GLU B 348 -1.36 3.86 8.69
C GLU B 348 -1.69 5.28 9.15
N ASP B 349 -2.93 5.51 9.57
CA ASP B 349 -3.31 6.83 10.06
C ASP B 349 -2.73 6.99 11.47
N MET B 350 -2.64 5.88 12.20
CA MET B 350 -2.08 5.87 13.54
C MET B 350 -0.62 6.28 13.45
N ILE B 351 0.11 5.67 12.51
CA ILE B 351 1.51 5.97 12.30
C ILE B 351 1.71 7.44 11.91
N LYS B 352 0.83 7.94 11.04
CA LYS B 352 0.90 9.32 10.58
C LYS B 352 0.79 10.32 11.74
N ALA B 353 -0.17 10.08 12.62
CA ALA B 353 -0.38 10.96 13.77
C ALA B 353 0.73 10.83 14.81
N ALA B 354 1.34 9.65 14.89
CA ALA B 354 2.41 9.43 15.85
C ALA B 354 3.75 9.99 15.37
N GLY B 355 3.84 10.27 14.08
CA GLY B 355 5.10 10.77 13.54
C GLY B 355 6.22 9.77 13.79
N ASP B 356 5.87 8.49 13.86
CA ASP B 356 6.83 7.42 14.11
C ASP B 356 6.41 6.12 13.41
N ASP B 357 7.30 5.54 12.61
CA ASP B 357 7.02 4.30 11.88
C ASP B 357 6.78 3.10 12.82
N ARG B 358 7.23 3.21 14.06
CA ARG B 358 7.10 2.12 15.00
C ARG B 358 5.73 2.05 15.71
N ALA B 359 4.91 3.07 15.52
CA ALA B 359 3.59 3.11 16.15
C ALA B 359 2.64 2.11 15.47
N LEU B 360 3.08 0.86 15.39
CA LEU B 360 2.31 -0.20 14.75
C LEU B 360 1.16 -0.70 15.64
N LEU B 361 0.23 0.21 15.91
CA LEU B 361 -0.92 -0.07 16.74
C LEU B 361 -2.20 0.04 15.92
N TYR B 362 -3.30 -0.49 16.47
CA TYR B 362 -4.58 -0.46 15.78
C TYR B 362 -5.75 -0.13 16.71
N SER B 363 -6.44 0.97 16.40
CA SER B 363 -7.59 1.40 17.18
C SER B 363 -8.84 1.39 16.28
N GLY B 364 -8.70 0.79 15.09
CA GLY B 364 -9.81 0.72 14.15
C GLY B 364 -10.94 -0.15 14.66
N VAL B 365 -12.04 -0.24 13.91
CA VAL B 365 -13.20 -1.03 14.33
C VAL B 365 -13.15 -2.53 14.07
N GLY B 366 -12.13 -2.99 13.35
CA GLY B 366 -12.01 -4.41 13.08
C GLY B 366 -11.85 -5.19 14.38
N GLY B 367 -12.88 -5.93 14.75
CA GLY B 367 -12.81 -6.70 15.98
C GLY B 367 -13.53 -6.06 17.16
N GLY B 368 -14.17 -4.91 16.94
CA GLY B 368 -14.88 -4.24 18.01
C GLY B 368 -14.35 -2.86 18.40
N ARG B 369 -15.14 -2.14 19.17
CA ARG B 369 -14.75 -0.81 19.63
C ARG B 369 -13.62 -0.95 20.64
N ARG B 370 -12.56 -0.19 20.46
CA ARG B 370 -11.43 -0.26 21.38
C ARG B 370 -11.23 1.00 22.21
N LYS B 371 -10.63 0.81 23.37
CA LYS B 371 -10.33 1.93 24.26
C LYS B 371 -8.83 1.90 24.51
N ILE B 372 -8.28 3.04 24.89
CA ILE B 372 -6.86 3.17 25.18
C ILE B 372 -6.58 2.64 26.58
N GLN B 373 -7.33 3.18 27.54
CA GLN B 373 -7.18 2.78 28.93
C GLN B 373 -8.50 2.21 29.44
N THR B 374 -8.42 1.24 30.35
CA THR B 374 -9.62 0.63 30.91
C THR B 374 -9.61 0.69 32.44
N ASP B 375 -10.79 0.78 33.02
CA ASP B 375 -10.94 0.84 34.47
C ASP B 375 -11.03 -0.58 35.02
N ALA B 376 -11.17 -1.55 34.12
CA ALA B 376 -11.24 -2.95 34.51
C ALA B 376 -10.81 -3.82 33.32
N ILE B 377 -9.94 -4.79 33.59
CA ILE B 377 -9.46 -5.70 32.56
C ILE B 377 -10.51 -6.76 32.28
N SER B 378 -11.35 -6.51 31.28
CA SER B 378 -12.42 -7.43 30.93
C SER B 378 -12.23 -8.21 29.63
N GLY B 379 -11.51 -7.63 28.67
CA GLY B 379 -11.31 -8.31 27.40
C GLY B 379 -10.25 -7.71 26.49
N PHE B 380 -10.01 -8.40 25.37
CA PHE B 380 -9.02 -7.99 24.37
C PHE B 380 -9.15 -6.56 23.86
N THR B 381 -10.37 -6.07 23.68
CA THR B 381 -10.55 -4.72 23.15
C THR B 381 -10.42 -3.60 24.17
N ASP B 382 -9.95 -3.92 25.39
CA ASP B 382 -9.77 -2.92 26.44
C ASP B 382 -8.52 -2.06 26.25
N GLY B 383 -7.81 -2.31 25.17
CA GLY B 383 -6.62 -1.55 24.87
C GLY B 383 -6.35 -1.62 23.38
N LEU B 384 -5.47 -0.78 22.87
CA LEU B 384 -5.16 -0.80 21.43
C LEU B 384 -4.47 -2.09 21.04
N SER B 385 -4.67 -2.52 19.79
CA SER B 385 -4.05 -3.75 19.32
C SER B 385 -2.65 -3.45 18.82
N ILE B 386 -1.77 -4.44 18.95
CA ILE B 386 -0.38 -4.30 18.50
C ILE B 386 -0.19 -5.13 17.24
N VAL B 387 0.00 -4.45 16.11
CA VAL B 387 0.19 -5.17 14.85
C VAL B 387 1.63 -5.09 14.35
N LYS B 388 2.57 -4.98 15.29
CA LYS B 388 4.00 -4.91 14.99
C LYS B 388 4.48 -6.17 14.28
N TRP B 389 4.06 -7.34 14.77
CA TRP B 389 4.44 -8.61 14.17
C TRP B 389 3.41 -8.99 13.13
N GLN B 390 3.87 -9.37 11.95
CA GLN B 390 2.97 -9.74 10.85
C GLN B 390 3.42 -10.98 10.12
N ASN B 391 2.45 -11.70 9.56
CA ASN B 391 2.77 -12.87 8.76
C ASN B 391 2.50 -12.53 7.30
N TYR B 392 3.07 -11.43 6.84
CA TYR B 392 2.98 -10.98 5.45
C TYR B 392 4.42 -10.66 5.07
N ARG B 393 4.79 -10.92 3.82
CA ARG B 393 6.14 -10.64 3.34
C ARG B 393 6.19 -9.24 2.77
N SER B 394 7.33 -8.56 2.92
CA SER B 394 7.48 -7.20 2.40
C SER B 394 7.49 -7.19 0.88
N ASP B 395 7.82 -8.32 0.26
CA ASP B 395 7.84 -8.38 -1.20
C ASP B 395 6.49 -8.83 -1.75
N GLY B 396 5.51 -9.00 -0.87
CA GLY B 396 4.17 -9.39 -1.26
C GLY B 396 3.94 -10.84 -1.67
N LYS B 397 5.01 -11.65 -1.64
CA LYS B 397 4.89 -13.06 -2.03
C LYS B 397 4.17 -13.90 -0.98
N PRO B 398 3.72 -15.10 -1.37
CA PRO B 398 3.01 -16.02 -0.47
C PRO B 398 3.83 -16.51 0.71
N VAL B 399 3.16 -16.74 1.83
CA VAL B 399 3.82 -17.29 3.01
C VAL B 399 3.52 -18.79 2.91
N SER B 400 4.29 -19.61 3.60
CA SER B 400 4.13 -21.06 3.53
C SER B 400 2.85 -21.65 4.11
N HIS B 401 2.27 -21.00 5.10
CA HIS B 401 1.07 -21.56 5.71
C HIS B 401 0.00 -20.53 6.01
N ALA B 402 -1.25 -20.96 6.03
CA ALA B 402 -2.38 -20.07 6.27
C ALA B 402 -2.53 -19.70 7.74
N THR B 403 -2.08 -20.57 8.63
CA THR B 403 -2.22 -20.29 10.05
C THR B 403 -0.92 -19.93 10.76
N TYR B 404 0.07 -20.81 10.70
CA TYR B 404 1.33 -20.54 11.36
C TYR B 404 2.21 -19.61 10.51
N PRO B 405 2.84 -18.62 11.15
CA PRO B 405 3.69 -17.66 10.45
C PRO B 405 5.11 -18.09 10.11
N ASP B 406 5.64 -17.49 9.05
CA ASP B 406 7.00 -17.72 8.55
C ASP B 406 7.94 -16.73 9.23
N THR B 407 7.37 -15.65 9.77
CA THR B 407 8.14 -14.62 10.44
C THR B 407 9.09 -15.13 11.52
N ASP B 408 10.36 -14.78 11.40
CA ASP B 408 11.36 -15.19 12.39
C ASP B 408 11.30 -14.17 13.51
N ILE B 409 11.85 -14.54 14.66
CA ILE B 409 11.89 -13.64 15.79
C ILE B 409 13.32 -13.08 15.86
N PRO B 410 13.50 -11.79 15.53
CA PRO B 410 14.84 -11.22 15.58
C PRO B 410 15.21 -10.96 17.04
N LEU B 411 15.60 -12.03 17.75
CA LEU B 411 15.98 -11.94 19.15
C LEU B 411 17.07 -10.89 19.39
N PHE B 412 18.06 -10.86 18.50
CA PHE B 412 19.17 -9.90 18.57
C PHE B 412 19.09 -8.99 17.34
N ARG B 413 19.08 -7.69 17.58
CA ARG B 413 19.01 -6.72 16.47
C ARG B 413 20.07 -5.62 16.71
N LEU B 414 20.55 -5.02 15.63
CA LEU B 414 21.55 -3.96 15.74
C LEU B 414 21.06 -2.76 16.56
N ALA B 415 19.75 -2.53 16.55
CA ALA B 415 19.18 -1.41 17.29
C ALA B 415 19.56 -1.44 18.77
N GLU B 416 19.69 -2.63 19.34
CA GLU B 416 20.06 -2.73 20.75
C GLU B 416 21.43 -2.12 21.04
N ALA B 417 22.31 -2.14 20.05
CA ALA B 417 23.65 -1.59 20.23
C ALA B 417 23.61 -0.08 20.38
N TYR B 418 22.77 0.56 19.57
CA TYR B 418 22.63 2.01 19.60
C TYR B 418 22.02 2.50 20.92
N LEU B 419 20.97 1.82 21.36
CA LEU B 419 20.30 2.19 22.60
C LEU B 419 21.22 1.92 23.79
N THR B 420 21.95 0.81 23.75
CA THR B 420 22.87 0.44 24.82
C THR B 420 24.00 1.47 24.91
N ARG B 421 24.55 1.86 23.78
CA ARG B 421 25.62 2.84 23.78
C ARG B 421 25.06 4.21 24.15
N ALA B 422 23.85 4.50 23.69
CA ALA B 422 23.22 5.78 24.01
C ALA B 422 23.03 5.91 25.53
N GLU B 423 22.48 4.86 26.14
CA GLU B 423 22.26 4.89 27.59
C GLU B 423 23.58 4.94 28.35
N ALA B 424 24.52 4.08 27.96
CA ALA B 424 25.83 4.04 28.60
C ALA B 424 26.54 5.40 28.55
N ILE B 425 26.55 6.02 27.38
CA ILE B 425 27.19 7.34 27.23
C ILE B 425 26.49 8.34 28.13
N PHE B 426 25.17 8.38 28.05
CA PHE B 426 24.38 9.29 28.88
C PHE B 426 24.77 9.16 30.35
N ARG B 427 24.66 7.94 30.88
CA ARG B 427 24.99 7.70 32.30
C ARG B 427 26.44 8.02 32.62
N GLN B 428 27.25 8.20 31.58
CA GLN B 428 28.66 8.55 31.77
C GLN B 428 28.84 10.06 31.71
N GLY B 429 27.73 10.76 31.48
CA GLY B 429 27.76 12.21 31.42
C GLY B 429 28.02 12.79 30.04
N GLY B 430 27.93 11.96 29.01
CA GLY B 430 28.17 12.43 27.66
C GLY B 430 26.90 12.78 26.88
N ASP B 431 27.05 13.04 25.59
CA ASP B 431 25.92 13.37 24.72
C ASP B 431 25.48 12.16 23.90
N ALA B 432 24.31 11.62 24.21
CA ALA B 432 23.79 10.45 23.51
C ALA B 432 22.69 10.76 22.49
N THR B 433 22.54 12.03 22.11
CA THR B 433 21.50 12.41 21.16
C THR B 433 21.79 11.77 19.80
N GLY B 434 23.06 11.49 19.54
CA GLY B 434 23.44 10.90 18.28
C GLY B 434 22.86 9.52 18.06
N ASP B 435 23.19 8.59 18.95
CA ASP B 435 22.69 7.22 18.83
C ASP B 435 21.16 7.15 18.91
N ILE B 436 20.56 7.99 19.74
CA ILE B 436 19.11 8.00 19.89
C ILE B 436 18.42 8.42 18.60
N ASN B 437 18.93 9.48 17.99
CA ASN B 437 18.33 9.98 16.76
C ASN B 437 18.60 9.07 15.56
N GLU B 438 19.58 8.19 15.69
CA GLU B 438 19.90 7.25 14.62
C GLU B 438 18.71 6.29 14.48
N LEU B 439 18.10 5.95 15.61
CA LEU B 439 16.94 5.06 15.61
C LEU B 439 15.70 5.85 15.25
N ARG B 440 15.61 7.09 15.73
CA ARG B 440 14.45 7.92 15.43
C ARG B 440 14.42 8.29 13.94
N LYS B 441 15.60 8.50 13.34
CA LYS B 441 15.66 8.82 11.91
C LYS B 441 15.24 7.62 11.09
N ARG B 442 15.73 6.44 11.45
CA ARG B 442 15.38 5.22 10.74
C ARG B 442 13.86 5.04 10.74
N ALA B 443 13.25 5.36 11.88
CA ALA B 443 11.80 5.24 12.03
C ALA B 443 11.07 6.44 11.42
N ASN B 444 11.83 7.33 10.78
CA ASN B 444 11.26 8.52 10.15
C ASN B 444 10.48 9.38 11.13
N CYS B 445 11.05 9.56 12.32
CA CYS B 445 10.39 10.35 13.35
C CYS B 445 10.32 11.84 13.02
N THR B 446 9.18 12.44 13.31
CA THR B 446 8.99 13.88 13.10
C THR B 446 9.73 14.61 14.22
N ARG B 447 9.71 14.04 15.42
CA ARG B 447 10.37 14.64 16.58
C ARG B 447 11.77 14.06 16.81
N LYS B 448 12.75 14.95 16.91
CA LYS B 448 14.12 14.55 17.18
C LYS B 448 14.47 14.96 18.61
N VAL B 449 15.26 14.14 19.29
CA VAL B 449 15.65 14.40 20.66
C VAL B 449 16.71 15.50 20.72
N GLN B 450 16.40 16.56 21.46
CA GLN B 450 17.31 17.69 21.63
C GLN B 450 18.17 17.43 22.85
N THR B 451 17.55 16.86 23.87
CA THR B 451 18.23 16.55 25.11
C THR B 451 17.84 15.17 25.62
N VAL B 452 18.85 14.36 25.90
CA VAL B 452 18.61 13.01 26.38
C VAL B 452 18.40 13.03 27.90
N THR B 453 17.29 12.42 28.33
CA THR B 453 16.97 12.32 29.76
C THR B 453 16.70 10.86 30.04
N GLU B 454 16.76 10.48 31.31
CA GLU B 454 16.51 9.09 31.68
C GLU B 454 15.13 8.66 31.19
N GLN B 455 14.18 9.59 31.24
CA GLN B 455 12.81 9.30 30.82
C GLN B 455 12.68 9.06 29.32
N GLU B 456 13.43 9.82 28.52
CA GLU B 456 13.39 9.69 27.07
C GLU B 456 14.00 8.34 26.70
N LEU B 457 15.03 7.93 27.44
CA LEU B 457 15.71 6.66 27.21
C LEU B 457 14.84 5.45 27.46
N ILE B 458 14.26 5.37 28.65
CA ILE B 458 13.40 4.24 28.99
C ILE B 458 12.23 4.17 28.01
N ASP B 459 11.80 5.34 27.54
CA ASP B 459 10.71 5.44 26.56
C ASP B 459 11.17 5.03 25.16
N GLU B 460 12.43 5.33 24.82
CA GLU B 460 12.94 4.95 23.50
C GLU B 460 13.16 3.44 23.48
N TRP B 461 13.51 2.89 24.63
CA TRP B 461 13.72 1.45 24.77
C TRP B 461 12.40 0.74 24.48
N ALA B 462 11.29 1.34 24.91
CA ALA B 462 9.97 0.78 24.69
C ALA B 462 9.50 0.98 23.25
N ARG B 463 9.67 2.18 22.71
CA ARG B 463 9.25 2.45 21.33
C ARG B 463 9.99 1.57 20.34
N GLU B 464 11.24 1.27 20.64
CA GLU B 464 12.07 0.45 19.76
C GLU B 464 11.88 -1.05 19.93
N PHE B 465 11.89 -1.53 21.18
CA PHE B 465 11.78 -2.96 21.44
C PHE B 465 10.49 -3.54 22.05
N TYR B 466 9.42 -2.76 22.14
CA TYR B 466 8.20 -3.28 22.74
C TYR B 466 7.72 -4.58 22.08
N LEU B 467 7.42 -5.56 22.92
CA LEU B 467 6.98 -6.89 22.51
C LEU B 467 8.12 -7.72 21.91
N GLU B 468 9.32 -7.59 22.47
CA GLU B 468 10.46 -8.36 22.00
C GLU B 468 11.11 -9.09 23.18
N GLY B 469 10.38 -9.12 24.29
CA GLY B 469 10.81 -9.82 25.49
C GLY B 469 11.93 -9.31 26.37
N ARG B 470 12.13 -8.00 26.45
CA ARG B 470 13.21 -7.47 27.29
C ARG B 470 12.77 -6.37 28.26
N ARG B 471 11.62 -5.76 27.99
CA ARG B 471 11.10 -4.65 28.81
C ARG B 471 11.37 -4.70 30.32
N ARG B 472 10.93 -5.76 30.97
CA ARG B 472 11.13 -5.86 32.41
C ARG B 472 12.58 -5.59 32.85
N SER B 473 13.53 -6.14 32.12
CA SER B 473 14.94 -5.99 32.44
C SER B 473 15.41 -4.54 32.41
N ASP B 474 14.95 -3.78 31.43
CA ASP B 474 15.34 -2.39 31.31
C ASP B 474 14.71 -1.55 32.41
N LEU B 475 13.47 -1.88 32.78
CA LEU B 475 12.76 -1.17 33.82
C LEU B 475 13.47 -1.35 35.16
N VAL B 476 13.90 -2.60 35.45
CA VAL B 476 14.60 -2.89 36.69
C VAL B 476 15.89 -2.09 36.79
N ARG B 477 16.61 -1.99 35.67
CA ARG B 477 17.86 -1.25 35.64
C ARG B 477 17.59 0.23 35.92
N PHE B 478 16.54 0.77 35.30
CA PHE B 478 16.19 2.17 35.48
C PHE B 478 15.51 2.43 36.83
N GLY B 479 15.42 1.37 37.65
CA GLY B 479 14.80 1.50 38.96
C GLY B 479 13.33 1.87 38.88
N MET B 480 12.66 1.45 37.80
CA MET B 480 11.25 1.78 37.62
C MET B 480 10.33 0.57 37.56
N PHE B 481 10.83 -0.62 37.84
CA PHE B 481 9.97 -1.79 37.74
C PHE B 481 8.99 -1.99 38.89
N THR B 482 9.46 -1.83 40.13
CA THR B 482 8.62 -2.04 41.30
C THR B 482 8.25 -0.78 42.07
N THR B 483 9.03 0.28 41.87
CA THR B 483 8.86 1.54 42.59
C THR B 483 7.80 2.51 42.09
N ASN B 484 7.65 3.63 42.81
CA ASN B 484 6.72 4.69 42.46
C ASN B 484 7.32 5.65 41.44
N LYS B 485 8.59 5.42 41.11
CA LYS B 485 9.30 6.28 40.15
C LYS B 485 8.59 6.33 38.80
N TYR B 486 7.98 5.21 38.43
CA TYR B 486 7.25 5.13 37.17
C TYR B 486 6.02 4.25 37.35
N LEU B 487 4.84 4.84 37.25
CA LEU B 487 3.61 4.07 37.39
C LEU B 487 2.83 4.04 36.08
N TRP B 488 2.52 2.84 35.62
CA TRP B 488 1.77 2.68 34.38
C TRP B 488 0.43 2.05 34.74
N ASP B 489 -0.52 2.07 33.81
CA ASP B 489 -1.82 1.51 34.10
C ASP B 489 -1.75 0.01 34.40
N TRP B 490 -2.41 -0.37 35.49
CA TRP B 490 -2.49 -1.74 35.96
C TRP B 490 -1.23 -2.30 36.59
N LYS B 491 -0.27 -1.43 36.84
CA LYS B 491 0.98 -1.85 37.49
C LYS B 491 0.62 -2.15 38.94
N GLY B 492 0.99 -3.34 39.41
CA GLY B 492 0.68 -3.70 40.77
C GLY B 492 -0.78 -4.09 40.93
N GLY B 493 -1.52 -4.08 39.83
CA GLY B 493 -2.93 -4.45 39.88
C GLY B 493 -3.88 -3.30 40.16
N ALA B 494 -3.34 -2.08 40.18
CA ALA B 494 -4.14 -0.89 40.42
C ALA B 494 -4.46 -0.23 39.09
N MET B 495 -5.68 0.28 38.94
CA MET B 495 -6.09 0.94 37.71
C MET B 495 -5.04 1.89 37.14
N ASN B 496 -4.57 2.82 37.97
CA ASN B 496 -3.57 3.80 37.54
C ASN B 496 -2.17 3.42 38.00
N GLY B 497 -2.02 2.20 38.48
CA GLY B 497 -0.72 1.73 38.93
C GLY B 497 -0.40 2.05 40.37
N THR B 498 0.34 1.13 40.98
CA THR B 498 0.76 1.25 42.36
C THR B 498 2.10 0.55 42.46
N SER B 499 2.84 0.80 43.53
CA SER B 499 4.14 0.17 43.72
C SER B 499 3.96 -1.20 44.36
N VAL B 500 5.04 -1.98 44.36
CA VAL B 500 5.07 -3.30 44.97
C VAL B 500 6.43 -3.40 45.69
N ALA B 501 6.63 -4.43 46.49
CA ALA B 501 7.88 -4.59 47.23
C ALA B 501 9.08 -4.73 46.30
N SER B 502 10.18 -4.07 46.64
CA SER B 502 11.39 -4.10 45.84
C SER B 502 11.97 -5.49 45.62
N TYR B 503 11.56 -6.48 46.41
CA TYR B 503 12.08 -7.82 46.24
C TYR B 503 11.50 -8.48 45.00
N TYR B 504 10.61 -7.75 44.33
CA TYR B 504 9.96 -8.25 43.11
C TYR B 504 10.81 -7.98 41.88
N ASN B 505 11.96 -7.36 42.06
CA ASN B 505 12.87 -7.06 40.96
C ASN B 505 13.54 -8.35 40.51
N LYS B 506 13.27 -9.42 41.23
CA LYS B 506 13.80 -10.74 40.92
C LYS B 506 12.65 -11.72 41.13
N TYR B 507 12.57 -12.71 40.25
CA TYR B 507 11.54 -13.73 40.37
C TYR B 507 12.03 -14.67 41.47
N PRO B 508 11.11 -15.39 42.12
CA PRO B 508 11.50 -16.31 43.18
C PRO B 508 11.97 -17.63 42.61
N ILE B 509 12.83 -18.33 43.34
CA ILE B 509 13.26 -19.63 42.90
C ILE B 509 11.98 -20.46 43.09
N PRO B 510 11.56 -21.19 42.06
CA PRO B 510 10.33 -21.99 42.22
C PRO B 510 10.37 -22.93 43.43
N VAL B 511 9.29 -22.93 44.20
CA VAL B 511 9.18 -23.78 45.38
C VAL B 511 9.49 -25.24 45.05
N SER B 512 9.23 -25.64 43.81
CA SER B 512 9.49 -27.01 43.40
C SER B 512 10.99 -27.30 43.43
N ASP B 513 11.81 -26.32 43.02
CA ASP B 513 13.25 -26.55 43.04
C ASP B 513 13.80 -26.40 44.46
N ILE B 514 13.20 -25.49 45.24
CA ILE B 514 13.65 -25.30 46.62
C ILE B 514 13.52 -26.62 47.37
N ASN B 515 12.41 -27.32 47.17
CA ASN B 515 12.17 -28.60 47.82
C ASN B 515 13.09 -29.71 47.28
N ASN B 516 13.31 -29.70 45.97
CA ASN B 516 14.14 -30.72 45.33
C ASN B 516 15.65 -30.50 45.43
N ASN B 517 16.09 -29.26 45.49
CA ASN B 517 17.52 -28.95 45.56
C ASN B 517 17.90 -28.08 46.76
N ARG B 518 18.26 -28.74 47.86
CA ARG B 518 18.65 -28.03 49.08
C ARG B 518 19.83 -27.08 48.87
N ASN B 519 20.48 -27.17 47.70
CA ASN B 519 21.63 -26.31 47.39
C ASN B 519 21.20 -24.91 46.98
N MET B 520 19.94 -24.78 46.58
CA MET B 520 19.41 -23.49 46.16
C MET B 520 18.81 -22.69 47.32
N SER B 521 19.05 -21.38 47.30
CA SER B 521 18.54 -20.46 48.29
C SER B 521 17.41 -19.63 47.70
N GLN B 522 16.37 -19.40 48.49
CA GLN B 522 15.24 -18.60 48.02
C GLN B 522 15.69 -17.14 47.94
N ASN B 523 15.16 -16.38 46.99
CA ASN B 523 15.54 -14.99 46.89
C ASN B 523 14.91 -14.20 48.05
N GLU B 524 15.58 -13.13 48.47
CA GLU B 524 15.10 -12.32 49.59
C GLU B 524 13.71 -11.77 49.37
N GLY B 525 12.91 -11.75 50.45
CA GLY B 525 11.56 -11.22 50.38
C GLY B 525 10.46 -12.27 50.30
N TYR B 526 10.67 -13.30 49.49
CA TYR B 526 9.66 -14.35 49.34
C TYR B 526 9.66 -15.29 50.52
N LYS B 527 8.54 -15.97 50.72
CA LYS B 527 8.42 -16.92 51.83
C LYS B 527 8.78 -18.33 51.39
C1 GLC C . -29.50 -1.82 -20.32
C2 GLC C . -28.56 -0.71 -20.86
C3 GLC C . -27.34 -1.37 -21.50
C4 GLC C . -26.63 -2.25 -20.44
C5 GLC C . -27.64 -3.31 -19.95
C6 GLC C . -26.98 -4.20 -18.89
O1 GLC C . -30.63 -1.21 -19.67
O2 GLC C . -29.26 0.11 -21.82
O3 GLC C . -26.45 -0.37 -22.00
O4 GLC C . -25.49 -2.88 -21.03
O5 GLC C . -28.81 -2.66 -19.36
O6 GLC C . -27.95 -5.08 -18.31
C1 GLC C . -24.29 -2.30 -20.48
C2 GLC C . -23.33 -1.96 -21.64
C3 GLC C . -23.08 -3.25 -22.41
C4 GLC C . -22.47 -4.29 -21.46
C5 GLC C . -23.44 -4.52 -20.27
C6 GLC C . -22.83 -5.53 -19.30
O2 GLC C . -23.91 -1.00 -22.52
O3 GLC C . -22.19 -3.00 -23.52
O4 GLC C . -22.27 -5.52 -22.17
O5 GLC C . -23.68 -3.26 -19.57
O6 GLC C . -23.71 -5.77 -18.21
C1 GLC C . -20.87 -5.78 -22.45
C2 GLC C . -20.74 -6.39 -23.86
C3 GLC C . -21.57 -7.68 -23.91
C4 GLC C . -21.02 -8.65 -22.82
C5 GLC C . -21.12 -7.93 -21.44
C6 GLC C . -20.57 -8.85 -20.32
O2 GLC C . -21.25 -5.49 -24.85
O3 GLC C . -21.48 -8.29 -25.20
O4 GLC C . -21.82 -9.83 -22.87
O5 GLC C . -20.35 -6.70 -21.43
O6 GLC C . -19.27 -9.33 -20.65
C1 GLC C . -21.06 -11.05 -22.95
C2 GLC C . -21.77 -11.95 -24.01
C3 GLC C . -23.23 -12.12 -23.58
C4 GLC C . -23.28 -12.75 -22.18
C5 GLC C . -22.49 -11.80 -21.19
C6 GLC C . -22.45 -12.39 -19.77
O2 GLC C . -21.74 -11.33 -25.31
O3 GLC C . -23.93 -12.95 -24.52
O4 GLC C . -24.70 -12.82 -21.84
O5 GLC C . -21.10 -11.69 -21.64
O6 GLC C . -21.91 -13.71 -19.81
C1 GLC C . -25.15 -13.80 -20.89
C2 GLC C . -26.46 -14.45 -21.45
C3 GLC C . -27.40 -13.29 -21.83
C4 GLC C . -27.69 -12.44 -20.58
C5 GLC C . -26.36 -11.93 -19.98
C6 GLC C . -26.67 -11.11 -18.71
O2 GLC C . -26.19 -15.21 -22.63
O3 GLC C . -28.61 -13.80 -22.38
O4 GLC C . -28.51 -11.31 -20.92
O5 GLC C . -25.49 -13.06 -19.65
O6 GLC C . -27.05 -11.99 -17.65
C1 GLC C . -29.92 -11.49 -20.67
C2 GLC C . -30.68 -11.16 -21.97
C3 GLC C . -30.29 -9.75 -22.39
C4 GLC C . -30.70 -8.75 -21.24
C5 GLC C . -30.00 -9.18 -19.94
C6 GLC C . -30.44 -8.22 -18.82
O2 GLC C . -30.30 -12.05 -23.02
O3 GLC C . -30.95 -9.41 -23.63
O4 GLC C . -30.33 -7.36 -21.51
O5 GLC C . -30.34 -10.57 -19.61
O6 GLC C . -29.61 -8.41 -17.67
C1 GLC C . -30.85 -6.84 -22.76
C2 GLC C . -30.11 -5.54 -23.09
C3 GLC C . -30.44 -4.50 -22.03
C4 GLC C . -31.96 -4.30 -21.99
C5 GLC C . -32.62 -5.65 -21.67
C6 GLC C . -34.13 -5.47 -21.63
O2 GLC C . -28.69 -5.76 -23.15
O3 GLC C . -29.78 -3.28 -22.34
O4 GLC C . -32.29 -3.33 -21.00
O5 GLC C . -32.28 -6.64 -22.68
O6 GLC C . -34.73 -6.74 -21.34
C1 GLC D . -2.17 -27.54 22.65
C2 GLC D . -0.95 -26.61 22.94
C3 GLC D . -1.46 -25.27 23.51
C4 GLC D . -2.44 -24.63 22.50
C5 GLC D . -3.60 -25.64 22.25
C6 GLC D . -4.59 -25.03 21.25
O1 GLC D . -2.85 -27.92 23.87
O2 GLC D . -0.05 -27.22 23.85
O3 GLC D . -0.35 -24.40 23.76
O4 GLC D . -2.94 -23.40 23.04
O5 GLC D . -3.10 -26.90 21.73
O6 GLC D . -5.90 -25.51 21.57
C1 GLC D . -2.38 -22.24 22.37
C2 GLC D . -1.94 -21.21 23.46
C3 GLC D . -3.17 -20.84 24.30
C4 GLC D . -4.25 -20.23 23.37
C5 GLC D . -4.59 -21.28 22.27
C6 GLC D . -5.62 -20.69 21.31
O2 GLC D . -0.94 -21.77 24.32
O3 GLC D . -2.83 -19.88 25.32
O4 GLC D . -5.42 -19.92 24.14
O5 GLC D . -3.39 -21.65 21.50
O6 GLC D . -6.10 -21.74 20.45
C1 GLC D . -5.59 -18.50 24.28
C2 GLC D . -6.03 -18.20 25.74
C3 GLC D . -7.34 -18.93 26.02
C4 GLC D . -8.41 -18.44 25.01
C5 GLC D . -7.89 -18.72 23.57
C6 GLC D . -8.90 -18.20 22.53
O2 GLC D . -5.02 -18.65 26.65
O3 GLC D . -7.79 -18.69 27.36
O4 GLC D . -9.65 -19.15 25.24
O5 GLC D . -6.62 -18.03 23.36
O6 GLC D . -9.03 -16.78 22.66
C1 GLC D . -10.71 -18.25 25.61
C2 GLC D . -11.42 -18.77 26.89
C3 GLC D . -11.99 -20.16 26.60
C4 GLC D . -12.98 -20.07 25.42
C5 GLC D . -12.22 -19.49 24.18
C6 GLC D . -13.20 -19.37 23.00
O2 GLC D . -10.50 -18.84 27.99
O3 GLC D . -12.65 -20.68 27.75
O4 GLC D . -13.50 -21.38 25.12
O5 GLC D . -11.67 -18.17 24.50
O6 GLC D . -12.53 -18.71 21.92
C1 GLC D . -14.92 -21.50 25.45
C2 GLC D . -15.13 -22.87 26.15
C3 GLC D . -14.64 -23.97 25.19
C4 GLC D . -15.45 -23.88 23.87
C5 GLC D . -15.27 -22.46 23.26
C6 GLC D . -16.09 -22.38 21.96
O2 GLC D . -14.37 -22.93 27.37
O3 GLC D . -14.79 -25.26 25.78
O4 GLC D . -14.97 -24.89 22.95
O5 GLC D . -15.71 -21.45 24.22
O6 GLC D . -16.62 -21.06 21.77
C1 GLC D . -15.98 -25.91 22.72
C2 GLC D . -15.31 -27.31 22.78
C3 GLC D . -14.25 -27.40 21.66
C4 GLC D . -14.93 -27.18 20.30
C5 GLC D . -15.62 -25.78 20.32
C6 GLC D . -16.32 -25.55 18.97
O2 GLC D . -14.71 -27.50 24.07
O3 GLC D . -13.60 -28.68 21.68
O4 GLC D . -13.96 -27.25 19.24
O5 GLC D . -16.60 -25.70 21.40
O6 GLC D . -16.97 -24.26 18.99
CA CA E . -18.16 12.10 -8.50
CA CA F . -18.17 12.85 -0.03
C1 EDO G . -23.36 21.75 -13.85
O1 EDO G . -24.19 22.13 -12.72
C2 EDO G . -22.14 20.94 -13.35
O2 EDO G . -22.51 20.11 -12.24
C1 EDO H . -19.06 11.06 -2.62
O1 EDO H . -18.05 11.74 -1.85
C2 EDO H . -18.95 9.54 -2.43
O2 EDO H . -18.51 9.25 -1.10
C1 EDO I . 2.14 -3.48 -32.16
O1 EDO I . 2.29 -2.42 -33.13
C2 EDO I . 3.34 -4.44 -32.24
O2 EDO I . 4.55 -3.73 -31.93
C1 EDO J . -29.08 20.42 -35.00
O1 EDO J . -29.58 21.68 -34.53
C2 EDO J . -27.54 20.48 -35.04
O2 EDO J . -27.02 19.17 -34.96
C1 EDO K . -12.44 25.26 -8.40
O1 EDO K . -12.16 25.20 -9.83
C2 EDO K . -13.15 23.97 -7.95
O2 EDO K . -12.21 22.88 -7.92
CA CA L . 11.30 -17.94 8.63
CA CA M . 11.22 -18.43 0.07
C1 EDO N . -8.72 -26.22 28.29
O1 EDO N . -9.06 -27.09 29.39
C2 EDO N . -8.20 -24.87 28.82
O2 EDO N . -7.04 -25.09 29.63
C1 EDO O . -6.51 -24.76 25.39
O1 EDO O . -5.71 -23.94 26.27
C2 EDO O . -5.76 -26.07 25.05
O2 EDO O . -6.27 -27.14 25.86
C1 EDO P . 25.67 -41.04 14.50
O1 EDO P . 24.84 -40.61 13.40
C2 EDO P . 27.16 -40.88 14.12
O2 EDO P . 27.45 -39.51 13.84
C1 EDO Q . -3.32 -21.32 16.53
O1 EDO Q . -1.89 -21.46 16.55
C2 EDO Q . -3.90 -22.19 15.40
O2 EDO Q . -3.41 -23.53 15.52
C1 EDO R . 2.46 -26.54 15.80
O1 EDO R . 1.60 -27.69 15.58
C2 EDO R . 2.73 -26.36 17.31
O2 EDO R . 3.75 -27.29 17.73
C1 EDO S . 8.89 -22.55 2.78
O1 EDO S . 9.83 -21.82 3.61
C2 EDO S . 9.04 -24.06 3.05
O2 EDO S . 8.61 -24.34 4.39
C1 EDO T . 23.41 -13.80 6.53
O1 EDO T . 22.34 -12.82 6.60
C2 EDO T . 24.73 -13.14 6.95
O2 EDO T . 24.64 -12.67 8.30
C1 EDO U . -1.88 6.55 31.91
O1 EDO U . -1.13 7.12 30.81
C2 EDO U . -1.45 5.08 32.10
O2 EDO U . -0.17 5.04 32.71
#